data_7D6V
#
_entry.id   7D6V
#
_cell.length_a   1.00
_cell.length_b   1.00
_cell.length_c   1.00
_cell.angle_alpha   90.00
_cell.angle_beta   90.00
_cell.angle_gamma   90.00
#
_symmetry.space_group_name_H-M   'P 1'
#
loop_
_entity.id
_entity.type
_entity.pdbx_description
1 polymer 'Succinate dehydrogenase subunit A'
2 polymer 'Fumarate reductase iron-sulfur subunit'
3 polymer 'Succinate dehydrogenase (Membrane anchor subunit)'
4 non-polymer 'FLAVIN-ADENINE DINUCLEOTIDE'
5 non-polymer 'FE2/S2 (INORGANIC) CLUSTER'
6 non-polymer 'IRON/SULFUR CLUSTER'
7 non-polymer 'FE3-S4 CLUSTER'
8 non-polymer UBIQUINONE-1
9 non-polymer '(1S)-2-{[(2-AMINOETHOXY)(HYDROXY)PHOSPHORYL]OXY}-1-[(PALMITOYLOXY)METHYL]ETHYL STEARATE'
#
loop_
_entity_poly.entity_id
_entity_poly.type
_entity_poly.pdbx_seq_one_letter_code
_entity_poly.pdbx_strand_id
1 'polypeptide(L)'
;MSELERHSYDVVVIGAGGAGLRAVIEARERGLRVAVVTKSLFGKAHTVMAEGGCAAAMRNVNTKDSWQVHFGDTMRGGKF
LNNWRMAELHAQEAPDRVWELETYGALFDRTKDGKISQRNFGGHTYPRLAHVGDRTGLEIIRTLQQKIVSLQQEDKRELG
DYEARIRVFHETSITELILDDGKIAGAFGYYRETGNFVLFEAPAVVLATGGIGKSFKVSSNSWEYTGDGHALALRAGSAL
INMEFIQFHPTGMVWPLSVKGILVTEGVRGDGGVLKNSEGKRFMFDYIPSVFKGQYAETEEEADQWLKDNDSARRTPDLL
PRDEVARAINAEVKAGRGSPHGGVYLDIASRMPAEEIKRRLPSMYHQFIELAEVDITKDAMEVGPTCHYVMGGIEVDPDT
AAGATPGLFAAGECSGGMHGSNRLGGNSLSDLLVFGRRAGLGAADYVRALPDRPKVSEAAVEDATRLVLAPFEPKAEPEN
PYTLHAELQQSMNDLVGIIRKEAEIQEALDRLQELKRRYANVTVEGGRVFNPGWHLAIDMRNMLLVSECVAKAALQRTES
RGGHTRDDYPEMDANWRNTLLVCRVSGGDPVVPDVTVTPEQQVPMRPDLLGCFELSELEKYYTPEELAEHPERKG
;
A
2 'polypeptide(L)'
;MATYDAKLRVWRGDDTGGELHDYTVEVNDGEVVLDIIHRLQATQTPDLAVRWNCKAGKCGSCSAEINGRPRLMCMTRMST
FGEDEVVTVTPLRTFPVMRDLVTDVSFNYEKARQIPSFTPPKDLQPGEYRMQQEDVNRSQEFRKCIECFLCQNVCHVVRD
HEENKENFAGPRFHMRIAELDMHPLDTVDRKEMAQDEFGLGYCNITKCCTEVCPEHIKITDNALIPMKERVADRKYDPIV
WLGNKLFRR
;
B
3 'polypeptide(L)'
;MSAPTADRRATGVFSPRRAQIPERTLRTDRWWQAPLLTNLGLAAFVIYATIRAFWGSAYWVADYHYLTPFYSPCVSTACA
PGSSHFGQWVGDLPWFIPMAFISLPFLLAFRLTCYYYRKAYYRSVWQSPTACAVAEPHAKYTGETRFPLILQNIHRYFFY
AAVLISLVNTYDAITAFHSPSGFGFGLGNVILTGNVILLWVYTLSCHSCRHVTGGRLKHFSKHPVRYWIWTQVSKLNTRH
MLFAWITLGTLVLTDFYIMLVASGTISDLRFIGHHHHHHHHHH
;
C
#
# COMPACT_ATOMS: atom_id res chain seq x y z
N LEU A 4 -7.11 -12.55 -31.83
CA LEU A 4 -6.90 -14.00 -31.95
C LEU A 4 -7.67 -14.74 -30.87
N GLU A 5 -7.61 -14.26 -29.63
CA GLU A 5 -8.37 -14.84 -28.54
C GLU A 5 -9.63 -14.00 -28.30
N ARG A 6 -10.80 -14.62 -28.46
CA ARG A 6 -12.06 -13.90 -28.47
C ARG A 6 -12.90 -14.26 -27.25
N HIS A 7 -13.48 -13.24 -26.62
CA HIS A 7 -14.38 -13.40 -25.49
C HIS A 7 -15.67 -12.65 -25.75
N SER A 8 -16.77 -13.17 -25.21
CA SER A 8 -18.09 -12.58 -25.39
C SER A 8 -18.67 -12.23 -24.03
N TYR A 9 -19.04 -10.96 -23.86
CA TYR A 9 -19.59 -10.47 -22.60
C TYR A 9 -20.70 -9.47 -22.88
N ASP A 10 -21.38 -9.04 -21.82
CA ASP A 10 -22.41 -8.02 -21.94
C ASP A 10 -21.83 -6.62 -21.82
N VAL A 11 -20.86 -6.42 -20.94
CA VAL A 11 -20.23 -5.12 -20.75
C VAL A 11 -18.76 -5.36 -20.43
N VAL A 12 -17.90 -4.47 -20.91
CA VAL A 12 -16.49 -4.48 -20.61
C VAL A 12 -16.14 -3.19 -19.90
N VAL A 13 -15.56 -3.30 -18.71
CA VAL A 13 -15.09 -2.15 -17.95
C VAL A 13 -13.58 -2.10 -18.08
N ILE A 14 -13.06 -1.03 -18.66
CA ILE A 14 -11.65 -0.94 -19.03
C ILE A 14 -10.94 -0.19 -17.89
N GLY A 15 -10.57 -0.91 -16.85
CA GLY A 15 -9.90 -0.27 -15.74
C GLY A 15 -10.50 -0.66 -14.40
N ALA A 16 -9.64 -0.98 -13.43
CA ALA A 16 -10.10 -1.39 -12.10
C ALA A 16 -9.55 -0.40 -11.09
N GLY A 17 -10.25 0.72 -10.95
CA GLY A 17 -10.02 1.66 -9.87
C GLY A 17 -11.31 1.76 -9.09
N GLY A 18 -11.52 2.84 -8.36
CA GLY A 18 -12.78 3.00 -7.66
C GLY A 18 -13.96 3.00 -8.62
N ALA A 19 -13.89 3.82 -9.67
CA ALA A 19 -14.99 3.94 -10.61
C ALA A 19 -15.25 2.62 -11.33
N GLY A 20 -14.18 1.99 -11.83
CA GLY A 20 -14.35 0.76 -12.58
C GLY A 20 -14.88 -0.37 -11.73
N LEU A 21 -14.34 -0.54 -10.52
CA LEU A 21 -14.80 -1.62 -9.66
C LEU A 21 -16.23 -1.40 -9.19
N ARG A 22 -16.60 -0.15 -8.88
CA ARG A 22 -17.98 0.12 -8.50
C ARG A 22 -18.93 -0.16 -9.66
N ALA A 23 -18.52 0.20 -10.88
CA ALA A 23 -19.34 -0.10 -12.05
C ALA A 23 -19.50 -1.59 -12.25
N VAL A 24 -18.42 -2.36 -12.03
CA VAL A 24 -18.49 -3.82 -12.18
C VAL A 24 -19.47 -4.40 -11.18
N ILE A 25 -19.38 -3.96 -9.92
CA ILE A 25 -20.29 -4.45 -8.89
C ILE A 25 -21.74 -4.14 -9.26
N GLU A 26 -22.00 -2.92 -9.72
CA GLU A 26 -23.37 -2.53 -10.07
C GLU A 26 -23.89 -3.34 -11.25
N ALA A 27 -23.06 -3.53 -12.28
CA ALA A 27 -23.49 -4.27 -13.45
C ALA A 27 -23.76 -5.73 -13.11
N ARG A 28 -22.94 -6.33 -12.24
CA ARG A 28 -23.22 -7.69 -11.79
C ARG A 28 -24.51 -7.75 -10.99
N GLU A 29 -24.78 -6.73 -10.16
CA GLU A 29 -26.02 -6.73 -9.39
C GLU A 29 -27.23 -6.68 -10.30
N ARG A 30 -27.17 -5.89 -11.37
CA ARG A 30 -28.28 -5.86 -12.31
C ARG A 30 -28.39 -7.14 -13.13
N GLY A 31 -27.33 -7.95 -13.16
CA GLY A 31 -27.37 -9.25 -13.79
C GLY A 31 -26.79 -9.18 -15.17
N LEU A 32 -25.51 -9.49 -15.30
CA LEU A 32 -24.74 -9.25 -16.51
C LEU A 32 -23.45 -10.03 -16.42
N ARG A 33 -22.92 -10.40 -17.57
CA ARG A 33 -21.56 -10.94 -17.66
C ARG A 33 -20.61 -9.78 -17.90
N VAL A 34 -19.71 -9.55 -16.94
CA VAL A 34 -18.84 -8.37 -16.93
C VAL A 34 -17.39 -8.84 -17.06
N ALA A 35 -16.65 -8.21 -17.96
CA ALA A 35 -15.22 -8.41 -18.10
C ALA A 35 -14.50 -7.19 -17.55
N VAL A 36 -13.50 -7.41 -16.71
CA VAL A 36 -12.73 -6.34 -16.08
C VAL A 36 -11.33 -6.38 -16.69
N VAL A 37 -10.96 -5.32 -17.39
CA VAL A 37 -9.66 -5.23 -18.05
C VAL A 37 -8.83 -4.17 -17.34
N THR A 38 -7.63 -4.55 -16.92
CA THR A 38 -6.76 -3.67 -16.16
C THR A 38 -5.37 -3.70 -16.77
N LYS A 39 -4.75 -2.53 -16.88
CA LYS A 39 -3.41 -2.46 -17.44
C LYS A 39 -2.35 -2.92 -16.45
N SER A 40 -2.63 -2.78 -15.15
CA SER A 40 -1.75 -3.20 -14.07
C SER A 40 -2.31 -4.45 -13.41
N LEU A 41 -1.68 -4.86 -12.30
CA LEU A 41 -2.20 -5.97 -11.53
C LEU A 41 -3.49 -5.58 -10.82
N PHE A 42 -4.26 -6.59 -10.43
CA PHE A 42 -5.55 -6.36 -9.78
C PHE A 42 -5.35 -5.68 -8.43
N GLY A 43 -6.01 -4.53 -8.24
CA GLY A 43 -5.91 -3.82 -7.00
C GLY A 43 -4.73 -2.88 -6.88
N LYS A 44 -4.09 -2.53 -8.00
CA LYS A 44 -2.89 -1.69 -7.98
C LYS A 44 -3.07 -0.44 -8.84
N ALA A 45 -4.30 0.04 -8.97
CA ALA A 45 -4.56 1.24 -9.74
C ALA A 45 -4.13 2.48 -8.97
N HIS A 46 -4.17 3.63 -9.65
CA HIS A 46 -3.71 4.88 -9.06
C HIS A 46 -4.52 5.30 -7.84
N THR A 47 -5.70 4.71 -7.65
CA THR A 47 -6.53 5.04 -6.49
C THR A 47 -5.81 4.74 -5.18
N VAL A 48 -4.88 3.78 -5.18
CA VAL A 48 -4.16 3.41 -3.95
C VAL A 48 -3.36 4.57 -3.40
N MET A 49 -3.01 5.54 -4.23
CA MET A 49 -2.11 6.61 -3.82
C MET A 49 -2.81 7.73 -3.05
N ALA A 50 -4.14 7.79 -3.09
CA ALA A 50 -4.85 8.84 -2.40
C ALA A 50 -4.75 8.66 -0.88
N GLU A 51 -4.52 9.77 -0.17
CA GLU A 51 -4.30 9.74 1.27
C GLU A 51 -5.27 10.63 2.04
N GLY A 52 -6.30 11.16 1.41
CA GLY A 52 -7.20 12.05 2.11
C GLY A 52 -8.46 11.40 2.61
N GLY A 53 -9.59 11.68 1.97
CA GLY A 53 -10.85 11.12 2.42
C GLY A 53 -11.90 11.26 1.34
N CYS A 54 -13.11 10.78 1.67
CA CYS A 54 -14.27 10.89 0.80
C CYS A 54 -15.18 11.97 1.36
N ALA A 55 -15.51 12.96 0.53
CA ALA A 55 -16.44 14.00 0.93
C ALA A 55 -17.85 13.45 0.82
N ALA A 56 -18.53 13.32 1.96
CA ALA A 56 -19.90 12.81 1.99
C ALA A 56 -20.62 13.44 3.16
N ALA A 57 -21.79 14.03 2.89
CA ALA A 57 -22.57 14.73 3.90
C ALA A 57 -23.32 13.71 4.77
N MET A 58 -22.54 12.92 5.50
CA MET A 58 -23.09 11.94 6.43
C MET A 58 -23.55 12.57 7.74
N ARG A 59 -23.05 13.76 8.08
CA ARG A 59 -23.44 14.52 9.27
C ARG A 59 -23.02 13.83 10.57
N ASN A 60 -21.98 13.01 10.51
CA ASN A 60 -21.55 12.28 11.71
C ASN A 60 -20.90 13.20 12.72
N VAL A 61 -20.10 14.16 12.27
CA VAL A 61 -19.40 15.06 13.19
C VAL A 61 -20.33 16.15 13.69
N ASN A 62 -20.88 16.94 12.77
CA ASN A 62 -21.92 17.89 13.12
C ASN A 62 -23.09 17.76 12.15
N THR A 63 -24.29 17.99 12.67
CA THR A 63 -25.53 17.69 11.98
C THR A 63 -26.07 18.85 11.15
N LYS A 64 -25.37 19.98 11.12
CA LYS A 64 -25.80 21.11 10.30
C LYS A 64 -25.48 20.91 8.82
N ASP A 65 -24.71 19.89 8.49
CA ASP A 65 -24.39 19.60 7.10
C ASP A 65 -25.62 19.08 6.35
N SER A 66 -25.61 19.28 5.04
CA SER A 66 -26.67 18.77 4.17
C SER A 66 -26.09 18.65 2.78
N TRP A 67 -26.86 18.03 1.88
CA TRP A 67 -26.41 17.94 0.50
C TRP A 67 -26.46 19.28 -0.21
N GLN A 68 -27.30 20.21 0.27
CA GLN A 68 -27.31 21.56 -0.28
C GLN A 68 -25.99 22.28 0.00
N VAL A 69 -25.48 22.14 1.22
CA VAL A 69 -24.21 22.78 1.57
C VAL A 69 -23.07 22.20 0.76
N HIS A 70 -23.03 20.87 0.62
CA HIS A 70 -22.00 20.23 -0.19
C HIS A 70 -22.11 20.63 -1.64
N PHE A 71 -23.34 20.75 -2.16
CA PHE A 71 -23.54 21.18 -3.53
C PHE A 71 -23.03 22.59 -3.75
N GLY A 72 -23.34 23.50 -2.82
CA GLY A 72 -22.82 24.86 -2.94
C GLY A 72 -21.32 24.92 -2.86
N ASP A 73 -20.72 24.11 -1.98
CA ASP A 73 -19.27 24.05 -1.87
C ASP A 73 -18.64 23.57 -3.16
N THR A 74 -19.22 22.54 -3.78
CA THR A 74 -18.70 22.03 -5.04
C THR A 74 -18.85 23.05 -6.16
N MET A 75 -19.98 23.76 -6.20
CA MET A 75 -20.19 24.75 -7.25
C MET A 75 -19.24 25.93 -7.08
N ARG A 76 -18.96 26.32 -5.84
CA ARG A 76 -17.99 27.39 -5.60
C ARG A 76 -16.59 26.98 -6.02
N GLY A 77 -16.15 25.80 -5.60
CA GLY A 77 -14.86 25.25 -5.97
C GLY A 77 -14.92 24.63 -7.34
N GLY A 78 -14.81 25.46 -8.37
CA GLY A 78 -15.13 25.08 -9.72
C GLY A 78 -15.70 26.27 -10.46
N LYS A 79 -15.97 27.33 -9.70
CA LYS A 79 -16.30 28.64 -10.24
C LYS A 79 -17.56 28.62 -11.08
N PHE A 80 -18.50 27.74 -10.72
CA PHE A 80 -19.80 27.62 -11.36
C PHE A 80 -19.71 27.22 -12.82
N LEU A 81 -18.59 26.63 -13.21
CA LEU A 81 -18.46 25.98 -14.51
C LEU A 81 -18.88 24.52 -14.46
N ASN A 82 -19.20 24.02 -13.28
CA ASN A 82 -19.54 22.62 -13.07
C ASN A 82 -20.78 22.23 -13.85
N ASN A 83 -20.89 20.94 -14.17
CA ASN A 83 -22.17 20.36 -14.52
C ASN A 83 -23.02 20.29 -13.26
N TRP A 84 -24.04 21.15 -13.18
CA TRP A 84 -24.80 21.29 -11.96
C TRP A 84 -25.58 20.02 -11.62
N ARG A 85 -26.06 19.31 -12.64
CA ARG A 85 -26.76 18.05 -12.38
C ARG A 85 -25.82 17.02 -11.76
N MET A 86 -24.59 16.92 -12.28
CA MET A 86 -23.63 15.98 -11.73
C MET A 86 -23.25 16.36 -10.30
N ALA A 87 -23.05 17.66 -10.05
CA ALA A 87 -22.69 18.11 -8.71
C ALA A 87 -23.80 17.82 -7.72
N GLU A 88 -25.05 18.14 -8.09
CA GLU A 88 -26.18 17.87 -7.20
C GLU A 88 -26.34 16.39 -6.94
N LEU A 89 -26.18 15.57 -7.99
CA LEU A 89 -26.40 14.14 -7.85
C LEU A 89 -25.31 13.51 -6.98
N HIS A 90 -24.07 13.96 -7.16
CA HIS A 90 -22.98 13.52 -6.30
C HIS A 90 -23.19 13.95 -4.86
N ALA A 91 -23.68 15.17 -4.66
CA ALA A 91 -23.92 15.65 -3.30
C ALA A 91 -24.97 14.81 -2.59
N GLN A 92 -26.06 14.48 -3.28
CA GLN A 92 -27.13 13.78 -2.60
C GLN A 92 -27.00 12.27 -2.66
N GLU A 93 -26.02 11.72 -3.37
CA GLU A 93 -25.82 10.28 -3.39
C GLU A 93 -24.50 9.83 -2.75
N ALA A 94 -23.66 10.75 -2.30
CA ALA A 94 -22.36 10.41 -1.74
C ALA A 94 -22.45 9.63 -0.43
N PRO A 95 -23.27 10.04 0.55
CA PRO A 95 -23.31 9.28 1.81
C PRO A 95 -23.71 7.82 1.65
N ASP A 96 -24.61 7.52 0.72
CA ASP A 96 -25.05 6.14 0.53
C ASP A 96 -23.90 5.25 0.07
N ARG A 97 -23.08 5.75 -0.85
CA ARG A 97 -21.97 4.94 -1.36
C ARG A 97 -20.94 4.67 -0.27
N VAL A 98 -20.65 5.68 0.56
CA VAL A 98 -19.71 5.50 1.65
C VAL A 98 -20.28 4.52 2.67
N TRP A 99 -21.57 4.61 2.97
CA TRP A 99 -22.17 3.69 3.92
C TRP A 99 -22.15 2.26 3.39
N GLU A 100 -22.42 2.06 2.11
CA GLU A 100 -22.39 0.71 1.57
C GLU A 100 -20.96 0.20 1.38
N LEU A 101 -19.97 1.09 1.39
CA LEU A 101 -18.58 0.63 1.38
C LEU A 101 -18.27 -0.24 2.58
N GLU A 102 -18.78 0.12 3.76
CA GLU A 102 -18.45 -0.63 4.95
C GLU A 102 -19.33 -1.86 5.16
N THR A 103 -20.41 -2.00 4.38
CA THR A 103 -21.07 -3.29 4.29
C THR A 103 -20.25 -4.29 3.48
N TYR A 104 -19.26 -3.81 2.73
CA TYR A 104 -18.33 -4.68 2.01
C TYR A 104 -17.12 -5.06 2.84
N GLY A 105 -16.96 -4.48 4.03
CA GLY A 105 -15.85 -4.82 4.90
C GLY A 105 -14.87 -3.70 5.16
N ALA A 106 -15.19 -2.48 4.70
CA ALA A 106 -14.31 -1.35 4.92
C ALA A 106 -14.33 -0.94 6.39
N LEU A 107 -13.15 -0.56 6.90
CA LEU A 107 -12.99 -0.13 8.29
C LEU A 107 -12.40 1.28 8.29
N PHE A 108 -13.25 2.29 8.43
CA PHE A 108 -12.80 3.65 8.58
C PHE A 108 -12.45 3.93 10.04
N ASP A 109 -11.93 5.13 10.29
CA ASP A 109 -11.79 5.60 11.65
C ASP A 109 -13.16 5.90 12.24
N ARG A 110 -13.27 5.78 13.55
CA ARG A 110 -14.57 5.85 14.22
C ARG A 110 -14.65 7.08 15.12
N THR A 111 -15.88 7.53 15.36
CA THR A 111 -16.15 8.57 16.33
C THR A 111 -16.47 7.94 17.68
N LYS A 112 -16.80 8.78 18.67
CA LYS A 112 -17.17 8.28 19.98
C LYS A 112 -18.49 7.54 19.96
N ASP A 113 -19.40 7.91 19.06
CA ASP A 113 -20.68 7.23 18.94
C ASP A 113 -20.58 5.94 18.14
N GLY A 114 -19.42 5.65 17.56
CA GLY A 114 -19.27 4.48 16.73
C GLY A 114 -19.62 4.68 15.27
N LYS A 115 -19.63 5.92 14.79
CA LYS A 115 -19.90 6.22 13.40
C LYS A 115 -18.58 6.45 12.67
N ILE A 116 -18.68 6.76 11.38
CA ILE A 116 -17.50 7.02 10.57
C ILE A 116 -16.97 8.42 10.87
N SER A 117 -15.67 8.51 11.11
CA SER A 117 -15.04 9.79 11.43
C SER A 117 -14.86 10.63 10.17
N GLN A 118 -15.06 11.94 10.31
CA GLN A 118 -14.96 12.88 9.19
C GLN A 118 -14.01 14.01 9.58
N ARG A 119 -13.10 14.35 8.67
CA ARG A 119 -12.16 15.43 8.88
C ARG A 119 -12.58 16.68 8.11
N ASN A 120 -11.98 17.80 8.49
CA ASN A 120 -12.16 19.06 7.80
C ASN A 120 -11.11 19.22 6.71
N PHE A 121 -11.48 19.91 5.63
CA PHE A 121 -10.60 20.14 4.51
C PHE A 121 -10.83 21.55 3.98
N GLY A 122 -10.03 21.94 3.01
CA GLY A 122 -9.97 23.31 2.52
C GLY A 122 -11.29 23.95 2.11
N GLY A 123 -11.90 23.46 1.04
CA GLY A 123 -13.06 24.11 0.47
C GLY A 123 -14.40 23.68 1.00
N HIS A 124 -14.44 22.81 2.02
CA HIS A 124 -15.68 22.32 2.58
C HIS A 124 -16.09 23.14 3.79
N THR A 125 -17.38 23.44 3.89
CA THR A 125 -17.89 24.24 5.01
C THR A 125 -17.88 23.45 6.31
N TYR A 126 -18.11 22.14 6.25
CA TYR A 126 -18.25 21.29 7.41
C TYR A 126 -17.35 20.07 7.25
N PRO A 127 -16.99 19.42 8.36
CA PRO A 127 -16.18 18.19 8.25
C PRO A 127 -16.93 17.10 7.51
N ARG A 128 -16.34 16.61 6.42
CA ARG A 128 -17.02 15.71 5.51
C ARG A 128 -16.21 14.49 5.11
N LEU A 129 -14.90 14.51 5.27
CA LEU A 129 -14.03 13.53 4.61
C LEU A 129 -13.90 12.29 5.49
N ALA A 130 -14.59 11.22 5.10
CA ALA A 130 -14.41 9.93 5.75
C ALA A 130 -13.01 9.40 5.44
N HIS A 131 -12.29 8.99 6.48
CA HIS A 131 -10.88 8.69 6.34
C HIS A 131 -10.50 7.52 7.23
N VAL A 132 -9.36 6.91 6.90
CA VAL A 132 -8.66 5.98 7.79
C VAL A 132 -7.16 6.28 7.66
N GLY A 133 -6.56 6.78 8.74
CA GLY A 133 -5.18 7.22 8.68
C GLY A 133 -4.99 8.22 7.56
N ASP A 134 -3.91 8.06 6.79
CA ASP A 134 -3.85 8.59 5.44
C ASP A 134 -3.59 7.42 4.50
N ARG A 135 -4.63 6.60 4.30
CA ARG A 135 -4.61 5.51 3.33
C ARG A 135 -6.00 5.25 2.76
N THR A 136 -6.82 6.30 2.62
CA THR A 136 -8.23 6.11 2.29
C THR A 136 -8.40 5.48 0.91
N GLY A 137 -7.59 5.88 -0.06
CA GLY A 137 -7.67 5.27 -1.38
C GLY A 137 -7.36 3.79 -1.36
N LEU A 138 -6.34 3.39 -0.58
CA LEU A 138 -6.03 1.98 -0.43
C LEU A 138 -7.20 1.22 0.19
N GLU A 139 -7.83 1.79 1.21
CA GLU A 139 -8.99 1.14 1.82
C GLU A 139 -10.11 0.98 0.83
N ILE A 140 -10.39 2.02 0.04
CA ILE A 140 -11.48 1.95 -0.94
C ILE A 140 -11.22 0.87 -1.96
N ILE A 141 -10.01 0.84 -2.53
CA ILE A 141 -9.72 -0.10 -3.60
C ILE A 141 -9.66 -1.53 -3.07
N ARG A 142 -9.10 -1.71 -1.86
CA ARG A 142 -9.10 -3.04 -1.24
C ARG A 142 -10.52 -3.54 -1.02
N THR A 143 -11.38 -2.67 -0.50
CA THR A 143 -12.76 -3.05 -0.22
C THR A 143 -13.48 -3.45 -1.51
N LEU A 144 -13.30 -2.67 -2.57
CA LEU A 144 -13.96 -2.99 -3.84
C LEU A 144 -13.45 -4.30 -4.42
N GLN A 145 -12.13 -4.52 -4.40
CA GLN A 145 -11.55 -5.75 -4.93
C GLN A 145 -12.03 -6.97 -4.14
N GLN A 146 -12.07 -6.86 -2.82
CA GLN A 146 -12.54 -7.98 -2.00
C GLN A 146 -14.03 -8.21 -2.18
N LYS A 147 -14.81 -7.15 -2.46
CA LYS A 147 -16.21 -7.33 -2.78
C LYS A 147 -16.38 -8.08 -4.10
N ILE A 148 -15.54 -7.79 -5.08
CA ILE A 148 -15.54 -8.55 -6.33
C ILE A 148 -15.25 -10.02 -6.06
N VAL A 149 -14.24 -10.29 -5.22
CA VAL A 149 -13.88 -11.67 -4.92
C VAL A 149 -15.02 -12.38 -4.20
N SER A 150 -15.70 -11.68 -3.30
CA SER A 150 -16.86 -12.25 -2.63
C SER A 150 -17.97 -12.57 -3.62
N LEU A 151 -18.22 -11.68 -4.58
CA LEU A 151 -19.26 -11.94 -5.56
C LEU A 151 -18.94 -13.15 -6.41
N GLN A 152 -17.67 -13.31 -6.79
CA GLN A 152 -17.36 -14.52 -7.56
C GLN A 152 -17.30 -15.78 -6.70
N GLN A 153 -17.08 -15.65 -5.40
CA GLN A 153 -17.29 -16.80 -4.51
C GLN A 153 -18.75 -17.23 -4.50
N GLU A 154 -19.67 -16.26 -4.46
CA GLU A 154 -21.09 -16.58 -4.57
C GLU A 154 -21.40 -17.23 -5.92
N ASP A 155 -20.79 -16.72 -6.99
CA ASP A 155 -20.97 -17.33 -8.30
C ASP A 155 -20.45 -18.77 -8.33
N LYS A 156 -19.33 -19.02 -7.66
CA LYS A 156 -18.81 -20.38 -7.56
C LYS A 156 -19.79 -21.29 -6.84
N ARG A 157 -20.34 -20.83 -5.72
CA ARG A 157 -21.28 -21.66 -4.97
C ARG A 157 -22.56 -21.92 -5.76
N GLU A 158 -23.06 -20.94 -6.50
CA GLU A 158 -24.39 -21.12 -7.09
C GLU A 158 -24.35 -21.66 -8.52
N LEU A 159 -23.45 -21.14 -9.36
CA LEU A 159 -23.36 -21.55 -10.75
C LEU A 159 -22.21 -22.51 -11.02
N GLY A 160 -21.33 -22.75 -10.05
CA GLY A 160 -20.24 -23.69 -10.24
C GLY A 160 -19.01 -23.13 -10.90
N ASP A 161 -18.81 -21.81 -10.88
CA ASP A 161 -17.67 -21.19 -11.56
C ASP A 161 -17.45 -19.81 -10.96
N TYR A 162 -16.20 -19.52 -10.61
CA TYR A 162 -15.86 -18.20 -10.10
C TYR A 162 -16.14 -17.12 -11.14
N GLU A 163 -15.75 -17.36 -12.39
CA GLU A 163 -15.89 -16.37 -13.45
C GLU A 163 -17.14 -16.57 -14.29
N ALA A 164 -18.22 -17.07 -13.67
CA ALA A 164 -19.47 -17.26 -14.40
C ALA A 164 -20.08 -15.92 -14.80
N ARG A 165 -19.97 -14.91 -13.94
CA ARG A 165 -20.52 -13.59 -14.22
C ARG A 165 -19.47 -12.49 -14.25
N ILE A 166 -18.39 -12.61 -13.50
CA ILE A 166 -17.34 -11.60 -13.45
C ILE A 166 -16.00 -12.26 -13.70
N ARG A 167 -15.27 -11.77 -14.69
CA ARG A 167 -13.90 -12.20 -14.93
C ARG A 167 -13.00 -10.98 -14.99
N VAL A 168 -11.83 -11.09 -14.36
CA VAL A 168 -10.85 -10.00 -14.30
C VAL A 168 -9.70 -10.35 -15.22
N PHE A 169 -9.34 -9.41 -16.09
CA PHE A 169 -8.22 -9.54 -17.01
C PHE A 169 -7.20 -8.47 -16.62
N HIS A 170 -6.32 -8.80 -15.68
CA HIS A 170 -5.27 -7.86 -15.29
C HIS A 170 -4.07 -8.02 -16.22
N GLU A 171 -3.21 -6.99 -16.22
CA GLU A 171 -2.05 -6.92 -17.11
C GLU A 171 -2.49 -6.98 -18.58
N THR A 172 -3.61 -6.35 -18.89
CA THR A 172 -4.15 -6.32 -20.25
C THR A 172 -4.40 -4.86 -20.64
N SER A 173 -3.98 -4.51 -21.84
CA SER A 173 -4.05 -3.14 -22.33
C SER A 173 -4.94 -3.07 -23.56
N ILE A 174 -5.92 -2.18 -23.54
CA ILE A 174 -6.86 -2.01 -24.65
C ILE A 174 -6.34 -0.90 -25.55
N THR A 175 -6.26 -1.17 -26.84
CA THR A 175 -5.71 -0.21 -27.80
C THR A 175 -6.73 0.34 -28.78
N GLU A 176 -7.89 -0.28 -28.92
CA GLU A 176 -8.90 0.18 -29.86
C GLU A 176 -10.28 -0.24 -29.38
N LEU A 177 -11.28 0.54 -29.78
CA LEU A 177 -12.68 0.19 -29.60
C LEU A 177 -13.29 -0.09 -30.96
N ILE A 178 -13.95 -1.23 -31.08
CA ILE A 178 -14.51 -1.67 -32.35
C ILE A 178 -15.95 -1.19 -32.46
N LEU A 179 -16.31 -0.68 -33.62
CA LEU A 179 -17.63 -0.14 -33.89
C LEU A 179 -18.31 -0.95 -34.99
N ASP A 180 -19.64 -1.03 -34.91
CA ASP A 180 -20.43 -1.71 -35.94
C ASP A 180 -21.03 -0.72 -36.93
N ASP A 181 -21.86 0.19 -36.44
CA ASP A 181 -22.44 1.23 -37.27
C ASP A 181 -22.42 2.54 -36.47
N GLY A 182 -21.27 2.84 -35.89
CA GLY A 182 -21.14 3.92 -34.95
C GLY A 182 -21.45 3.54 -33.51
N LYS A 183 -21.88 2.30 -33.28
CA LYS A 183 -22.16 1.80 -31.95
C LYS A 183 -21.03 0.90 -31.48
N ILE A 184 -20.83 0.85 -30.17
CA ILE A 184 -19.79 0.00 -29.60
C ILE A 184 -20.08 -1.45 -29.92
N ALA A 185 -19.09 -2.16 -30.43
CA ALA A 185 -19.20 -3.59 -30.70
C ALA A 185 -18.19 -4.42 -29.95
N GLY A 186 -17.18 -3.81 -29.33
CA GLY A 186 -16.21 -4.55 -28.56
C GLY A 186 -14.92 -3.77 -28.41
N ALA A 187 -13.97 -4.40 -27.73
CA ALA A 187 -12.67 -3.81 -27.46
C ALA A 187 -11.57 -4.76 -27.90
N PHE A 188 -10.50 -4.19 -28.44
CA PHE A 188 -9.35 -4.94 -28.92
C PHE A 188 -8.11 -4.53 -28.15
N GLY A 189 -7.32 -5.50 -27.72
CA GLY A 189 -6.13 -5.20 -26.96
C GLY A 189 -5.15 -6.35 -26.99
N TYR A 190 -4.14 -6.25 -26.12
CA TYR A 190 -3.10 -7.27 -26.05
C TYR A 190 -2.82 -7.59 -24.59
N TYR A 191 -2.32 -8.81 -24.39
CA TYR A 191 -1.80 -9.21 -23.08
C TYR A 191 -0.37 -8.71 -22.93
N ARG A 192 -0.08 -8.07 -21.81
CA ARG A 192 1.28 -7.59 -21.58
C ARG A 192 2.26 -8.75 -21.49
N GLU A 193 1.87 -9.83 -20.81
CA GLU A 193 2.80 -10.92 -20.55
C GLU A 193 3.28 -11.59 -21.84
N THR A 194 2.36 -11.86 -22.76
CA THR A 194 2.68 -12.63 -23.95
C THR A 194 2.66 -11.83 -25.24
N GLY A 195 2.05 -10.65 -25.25
CA GLY A 195 1.93 -9.90 -26.47
C GLY A 195 0.86 -10.41 -27.43
N ASN A 196 -0.01 -11.30 -26.97
CA ASN A 196 -1.04 -11.89 -27.82
C ASN A 196 -2.30 -11.04 -27.78
N PHE A 197 -3.07 -11.10 -28.87
CA PHE A 197 -4.18 -10.20 -29.08
C PHE A 197 -5.50 -10.81 -28.62
N VAL A 198 -6.26 -10.02 -27.87
CA VAL A 198 -7.54 -10.42 -27.32
C VAL A 198 -8.61 -9.44 -27.79
N LEU A 199 -9.74 -10.00 -28.23
CA LEU A 199 -10.89 -9.22 -28.67
C LEU A 199 -12.07 -9.54 -27.78
N PHE A 200 -12.64 -8.51 -27.17
CA PHE A 200 -13.89 -8.63 -26.43
C PHE A 200 -15.03 -8.18 -27.32
N GLU A 201 -16.20 -8.79 -27.13
CA GLU A 201 -17.35 -8.59 -28.02
C GLU A 201 -18.58 -8.16 -27.23
N ALA A 202 -18.40 -7.17 -26.38
CA ALA A 202 -19.54 -6.68 -25.62
C ALA A 202 -20.22 -5.52 -26.32
N PRO A 203 -21.55 -5.41 -26.18
CA PRO A 203 -22.26 -4.25 -26.76
C PRO A 203 -22.12 -2.97 -25.96
N ALA A 204 -21.57 -3.01 -24.75
CA ALA A 204 -21.38 -1.84 -23.93
C ALA A 204 -19.98 -1.82 -23.35
N VAL A 205 -19.43 -0.62 -23.20
CA VAL A 205 -18.09 -0.42 -22.64
C VAL A 205 -18.15 0.74 -21.65
N VAL A 206 -17.57 0.54 -20.47
CA VAL A 206 -17.40 1.58 -19.48
C VAL A 206 -15.91 1.88 -19.38
N LEU A 207 -15.54 3.15 -19.55
CA LEU A 207 -14.13 3.46 -19.76
C LEU A 207 -13.35 3.52 -18.45
N ALA A 208 -13.62 4.52 -17.60
CA ALA A 208 -13.01 4.63 -16.27
C ALA A 208 -11.51 4.35 -16.27
N THR A 209 -10.76 5.12 -17.05
CA THR A 209 -9.34 4.84 -17.30
C THR A 209 -8.37 5.77 -16.58
N GLY A 210 -8.86 6.79 -15.87
CA GLY A 210 -7.94 7.65 -15.14
C GLY A 210 -7.54 8.91 -15.88
N GLY A 211 -6.30 9.35 -15.63
CA GLY A 211 -5.85 10.66 -16.02
C GLY A 211 -4.82 10.64 -17.13
N ILE A 212 -4.14 11.77 -17.30
CA ILE A 212 -3.26 12.04 -18.44
C ILE A 212 -1.89 12.54 -18.00
N GLY A 213 -1.49 12.20 -16.78
CA GLY A 213 -0.36 12.88 -16.16
C GLY A 213 1.01 12.53 -16.72
N LYS A 214 1.12 11.45 -17.51
CA LYS A 214 2.42 11.07 -18.05
C LYS A 214 2.83 11.90 -19.24
N SER A 215 1.99 12.84 -19.69
CA SER A 215 2.38 13.76 -20.75
C SER A 215 3.22 14.91 -20.24
N PHE A 216 3.41 15.03 -18.93
CA PHE A 216 4.10 16.15 -18.32
C PHE A 216 5.36 15.65 -17.62
N LYS A 217 6.41 16.49 -17.66
CA LYS A 217 7.69 16.09 -17.09
C LYS A 217 7.60 15.90 -15.59
N VAL A 218 6.93 16.81 -14.89
CA VAL A 218 6.76 16.73 -13.45
C VAL A 218 5.30 16.42 -13.16
N SER A 219 5.04 15.30 -12.51
CA SER A 219 3.68 14.86 -12.25
C SER A 219 3.69 13.85 -11.11
N SER A 220 2.56 13.76 -10.42
CA SER A 220 2.37 12.81 -9.33
C SER A 220 1.68 11.55 -9.79
N ASN A 221 1.49 11.36 -11.08
CA ASN A 221 0.62 10.31 -11.60
C ASN A 221 1.41 9.04 -11.91
N SER A 222 0.68 7.93 -12.02
CA SER A 222 1.25 6.61 -12.14
C SER A 222 1.78 6.35 -13.54
N TRP A 223 2.41 5.19 -13.71
CA TRP A 223 2.87 4.74 -15.02
C TRP A 223 1.72 4.61 -16.02
N GLU A 224 0.52 4.32 -15.53
CA GLU A 224 -0.61 4.00 -16.39
C GLU A 224 -1.41 5.22 -16.85
N TYR A 225 -1.05 6.41 -16.39
CA TYR A 225 -1.81 7.63 -16.73
C TYR A 225 -1.28 8.23 -18.03
N THR A 226 -1.48 7.48 -19.11
CA THR A 226 -1.01 7.87 -20.43
C THR A 226 -2.10 8.48 -21.30
N GLY A 227 -3.22 8.88 -20.71
CA GLY A 227 -4.30 9.46 -21.47
C GLY A 227 -5.16 8.47 -22.22
N ASP A 228 -5.00 7.17 -21.95
CA ASP A 228 -5.89 6.19 -22.53
C ASP A 228 -7.30 6.41 -22.02
N GLY A 229 -8.28 6.01 -22.81
CA GLY A 229 -9.66 6.29 -22.47
C GLY A 229 -10.11 7.59 -23.09
N HIS A 230 -9.42 8.69 -22.78
CA HIS A 230 -9.67 9.93 -23.50
C HIS A 230 -9.48 9.73 -25.00
N ALA A 231 -8.34 9.18 -25.40
CA ALA A 231 -8.07 8.94 -26.81
C ALA A 231 -8.96 7.83 -27.36
N LEU A 232 -9.28 6.82 -26.55
CA LEU A 232 -10.14 5.74 -27.02
C LEU A 232 -11.52 6.25 -27.37
N ALA A 233 -12.14 7.02 -26.47
CA ALA A 233 -13.45 7.59 -26.74
C ALA A 233 -13.38 8.59 -27.87
N LEU A 234 -12.30 9.37 -27.93
CA LEU A 234 -12.17 10.39 -28.95
C LEU A 234 -12.06 9.78 -30.35
N ARG A 235 -11.35 8.65 -30.46
CA ARG A 235 -11.25 7.94 -31.73
C ARG A 235 -12.49 7.11 -32.03
N ALA A 236 -13.23 6.68 -30.99
CA ALA A 236 -14.48 5.97 -31.23
C ALA A 236 -15.57 6.91 -31.72
N GLY A 237 -15.48 8.18 -31.35
CA GLY A 237 -16.40 9.17 -31.90
C GLY A 237 -17.10 10.01 -30.87
N SER A 238 -16.68 9.88 -29.61
CA SER A 238 -17.24 10.70 -28.55
C SER A 238 -16.49 12.03 -28.49
N ALA A 239 -16.74 12.81 -27.45
CA ALA A 239 -16.22 14.16 -27.34
C ALA A 239 -15.58 14.37 -25.97
N LEU A 240 -14.68 15.34 -25.90
CA LEU A 240 -14.00 15.71 -24.68
C LEU A 240 -14.33 17.15 -24.34
N ILE A 241 -14.41 17.44 -23.04
CA ILE A 241 -14.72 18.78 -22.56
C ILE A 241 -13.69 19.17 -21.50
N ASN A 242 -13.51 20.47 -21.35
CA ASN A 242 -12.73 21.06 -20.25
C ASN A 242 -11.30 20.52 -20.22
N MET A 243 -10.72 20.24 -21.39
CA MET A 243 -9.38 19.66 -21.41
C MET A 243 -8.30 20.67 -21.05
N GLU A 244 -8.62 21.96 -21.01
CA GLU A 244 -7.68 22.99 -20.61
C GLU A 244 -7.61 23.17 -19.10
N PHE A 245 -8.41 22.42 -18.35
CA PHE A 245 -8.49 22.58 -16.90
C PHE A 245 -7.73 21.43 -16.26
N ILE A 246 -6.50 21.71 -15.86
CA ILE A 246 -5.61 20.73 -15.23
C ILE A 246 -5.15 21.30 -13.90
N GLN A 247 -5.22 20.49 -12.86
CA GLN A 247 -4.74 20.92 -11.55
C GLN A 247 -3.23 20.80 -11.50
N PHE A 248 -2.58 21.91 -11.17
CA PHE A 248 -1.15 21.94 -10.92
C PHE A 248 -0.91 22.36 -9.48
N HIS A 249 -0.11 21.63 -8.78
CA HIS A 249 0.35 22.14 -7.49
C HIS A 249 1.66 22.90 -7.69
N PRO A 250 1.73 24.16 -7.26
CA PRO A 250 2.92 24.96 -7.57
C PRO A 250 4.19 24.47 -6.91
N THR A 251 4.11 23.62 -5.88
CA THR A 251 5.25 23.27 -5.05
C THR A 251 5.33 21.76 -4.94
N GLY A 252 6.10 21.14 -5.84
CA GLY A 252 6.38 19.72 -5.78
C GLY A 252 7.84 19.43 -6.07
N MET A 253 8.40 18.43 -5.38
CA MET A 253 9.82 18.12 -5.54
C MET A 253 10.11 17.71 -6.97
N VAL A 254 11.21 18.23 -7.53
CA VAL A 254 11.53 18.02 -8.94
C VAL A 254 12.85 17.27 -9.13
N TRP A 255 13.90 17.63 -8.38
CA TRP A 255 15.19 17.01 -8.75
C TRP A 255 15.32 15.57 -8.29
N PRO A 256 15.28 15.26 -6.97
CA PRO A 256 15.60 13.89 -6.55
C PRO A 256 14.61 12.91 -7.16
N LEU A 257 15.08 12.06 -8.07
CA LEU A 257 14.15 11.22 -8.82
C LEU A 257 13.32 10.34 -7.90
N SER A 258 13.86 9.95 -6.75
CA SER A 258 13.09 9.15 -5.80
C SER A 258 11.83 9.88 -5.33
N VAL A 259 11.87 11.21 -5.30
CA VAL A 259 10.70 12.02 -4.96
C VAL A 259 10.61 13.12 -6.01
N LYS A 260 9.83 12.87 -7.07
CA LYS A 260 9.80 13.78 -8.21
C LYS A 260 8.39 14.30 -8.52
N GLY A 261 7.38 13.85 -7.80
CA GLY A 261 6.04 14.39 -8.00
C GLY A 261 5.30 14.51 -6.69
N ILE A 262 6.01 14.31 -5.59
CA ILE A 262 5.39 14.42 -4.27
C ILE A 262 5.02 15.88 -4.02
N LEU A 263 3.77 16.10 -3.63
CA LEU A 263 3.27 17.45 -3.41
C LEU A 263 3.70 17.94 -2.03
N VAL A 264 4.10 19.20 -1.97
CA VAL A 264 4.45 19.85 -0.70
C VAL A 264 3.34 20.84 -0.38
N THR A 265 2.70 20.67 0.77
CA THR A 265 1.58 21.51 1.15
C THR A 265 2.05 22.91 1.51
N GLU A 266 1.10 23.85 1.48
CA GLU A 266 1.39 25.23 1.89
C GLU A 266 1.59 25.36 3.39
N GLY A 267 1.30 24.30 4.16
CA GLY A 267 1.63 24.33 5.58
C GLY A 267 3.11 24.49 5.84
N VAL A 268 3.94 23.96 4.94
CA VAL A 268 5.39 24.18 5.04
C VAL A 268 5.70 25.66 4.86
N ARG A 269 4.95 26.34 3.99
CA ARG A 269 5.08 27.78 3.86
C ARG A 269 4.37 28.54 4.98
N GLY A 270 3.62 27.84 5.82
CA GLY A 270 3.14 28.42 7.06
C GLY A 270 4.27 28.57 8.07
N ASP A 271 5.48 28.51 7.55
CA ASP A 271 6.75 28.70 8.23
C ASP A 271 7.69 29.34 7.22
N GLY A 272 8.99 29.26 7.46
CA GLY A 272 9.97 29.80 6.53
C GLY A 272 9.74 29.37 5.09
N GLY A 273 9.80 30.33 4.17
CA GLY A 273 9.33 30.15 2.82
C GLY A 273 10.45 29.92 1.81
N VAL A 274 10.13 30.20 0.55
CA VAL A 274 11.00 29.87 -0.57
C VAL A 274 12.06 30.95 -0.71
N LEU A 275 13.30 30.62 -0.33
CA LEU A 275 14.42 31.49 -0.67
C LEU A 275 14.68 31.44 -2.16
N LYS A 276 14.70 30.23 -2.73
CA LYS A 276 14.48 29.97 -4.14
C LYS A 276 15.41 30.72 -5.07
N ASN A 277 16.48 31.30 -4.56
CA ASN A 277 17.51 31.92 -5.39
C ASN A 277 18.87 31.56 -4.81
N SER A 278 19.92 32.05 -5.45
CA SER A 278 21.25 31.91 -4.89
C SER A 278 21.46 32.87 -3.73
N GLU A 279 21.08 34.13 -3.90
CA GLU A 279 21.27 35.13 -2.85
C GLU A 279 20.05 36.04 -2.72
N GLY A 280 18.84 35.48 -2.72
CA GLY A 280 17.70 36.34 -2.47
C GLY A 280 16.34 35.69 -2.26
N LYS A 281 15.65 36.09 -1.20
CA LYS A 281 14.23 35.76 -1.01
C LYS A 281 13.42 36.66 -1.93
N ARG A 282 12.75 36.07 -2.92
CA ARG A 282 12.36 36.82 -4.11
C ARG A 282 10.86 37.02 -4.24
N PHE A 283 10.09 36.81 -3.17
CA PHE A 283 8.71 37.28 -3.14
C PHE A 283 8.60 38.75 -2.78
N MET A 284 9.71 39.49 -2.87
CA MET A 284 9.78 40.90 -2.50
C MET A 284 9.50 41.10 -1.01
N PHE A 285 9.73 40.05 -0.22
CA PHE A 285 9.50 40.10 1.22
C PHE A 285 9.96 38.81 1.89
N ALA A 313 -1.41 41.66 11.23
CA ALA A 313 -0.05 41.58 10.72
C ALA A 313 -0.04 41.49 9.19
N ARG A 314 0.67 42.40 8.55
CA ARG A 314 0.82 42.34 7.10
C ARG A 314 1.46 41.00 6.74
N ARG A 315 0.71 40.14 6.06
CA ARG A 315 1.14 38.76 5.85
C ARG A 315 2.45 38.72 5.08
N THR A 316 3.30 37.76 5.44
CA THR A 316 4.37 37.37 4.57
C THR A 316 3.76 36.76 3.30
N PRO A 317 4.47 36.80 2.19
CA PRO A 317 3.93 36.16 0.99
C PRO A 317 3.83 34.65 1.17
N ASP A 318 2.93 34.27 2.07
CA ASP A 318 2.63 32.88 2.40
C ASP A 318 1.35 32.53 1.65
N LEU A 319 1.47 31.65 0.65
CA LEU A 319 0.35 31.13 -0.11
C LEU A 319 -0.63 32.22 -0.49
N LEU A 320 -0.12 33.22 -1.21
CA LEU A 320 -1.00 34.12 -1.96
C LEU A 320 -1.77 33.23 -2.92
N PRO A 321 -2.89 33.70 -3.51
CA PRO A 321 -3.59 32.86 -4.49
C PRO A 321 -2.61 32.19 -5.42
N ARG A 322 -2.55 30.86 -5.38
CA ARG A 322 -1.40 30.11 -5.87
C ARG A 322 -1.06 30.41 -7.31
N ASP A 323 -1.93 31.12 -8.03
CA ASP A 323 -1.56 31.66 -9.33
C ASP A 323 -0.41 32.66 -9.19
N GLU A 324 -0.46 33.52 -8.16
CA GLU A 324 0.60 34.50 -7.96
C GLU A 324 1.92 33.83 -7.59
N VAL A 325 1.87 32.85 -6.69
CA VAL A 325 3.07 32.09 -6.35
C VAL A 325 3.63 31.41 -7.59
N ALA A 326 2.76 30.81 -8.39
CA ALA A 326 3.19 30.13 -9.60
C ALA A 326 3.81 31.09 -10.61
N ARG A 327 3.24 32.30 -10.74
CA ARG A 327 3.82 33.27 -11.67
C ARG A 327 5.18 33.72 -11.18
N ALA A 328 5.34 33.93 -9.88
CA ALA A 328 6.66 34.27 -9.36
C ALA A 328 7.66 33.15 -9.62
N ILE A 329 7.25 31.90 -9.42
CA ILE A 329 8.15 30.77 -9.64
C ILE A 329 8.54 30.67 -11.11
N ASN A 330 7.58 30.82 -12.01
CA ASN A 330 7.89 30.77 -13.44
C ASN A 330 8.84 31.90 -13.83
N ALA A 331 8.57 33.12 -13.36
CA ALA A 331 9.42 34.25 -13.70
C ALA A 331 10.84 34.04 -13.18
N GLU A 332 10.98 33.54 -11.96
CA GLU A 332 12.31 33.35 -11.39
C GLU A 332 13.02 32.14 -11.99
N VAL A 333 12.28 31.19 -12.56
CA VAL A 333 12.92 30.17 -13.37
C VAL A 333 13.44 30.76 -14.67
N LYS A 334 12.66 31.67 -15.27
CA LYS A 334 13.10 32.32 -16.51
C LYS A 334 14.06 33.47 -16.23
N ALA A 335 13.60 34.47 -15.48
CA ALA A 335 14.38 35.65 -15.15
C ALA A 335 14.67 35.63 -13.65
N GLY A 336 15.76 34.99 -13.28
CA GLY A 336 16.12 34.84 -11.88
C GLY A 336 17.01 33.63 -11.70
N ARG A 337 17.39 33.40 -10.44
CA ARG A 337 18.27 32.28 -10.10
C ARG A 337 17.42 31.05 -9.87
N GLY A 338 17.16 30.30 -10.95
CA GLY A 338 16.46 29.05 -10.84
C GLY A 338 17.36 27.92 -10.39
N SER A 339 16.73 26.78 -10.11
CA SER A 339 17.46 25.59 -9.69
C SER A 339 18.01 24.85 -10.92
N PRO A 340 19.01 23.99 -10.72
CA PRO A 340 19.52 23.19 -11.85
C PRO A 340 18.47 22.28 -12.45
N HIS A 341 17.55 21.76 -11.64
CA HIS A 341 16.46 20.92 -12.10
C HIS A 341 15.22 21.66 -12.53
N GLY A 342 15.28 22.99 -12.61
CA GLY A 342 14.16 23.78 -13.09
C GLY A 342 13.12 24.15 -12.06
N GLY A 343 13.48 24.16 -10.77
CA GLY A 343 12.55 24.46 -9.71
C GLY A 343 13.08 25.57 -8.80
N VAL A 344 12.61 25.54 -7.57
CA VAL A 344 13.00 26.49 -6.54
C VAL A 344 13.35 25.71 -5.26
N TYR A 345 13.70 26.43 -4.20
CA TYR A 345 14.35 25.80 -3.05
C TYR A 345 13.41 25.50 -1.89
N LEU A 346 12.73 26.49 -1.34
CA LEU A 346 11.85 26.28 -0.18
C LEU A 346 12.62 25.68 1.00
N ASP A 347 13.53 26.49 1.53
CA ASP A 347 14.34 26.08 2.66
C ASP A 347 13.62 26.35 3.98
N ILE A 348 13.48 25.30 4.78
CA ILE A 348 12.97 25.40 6.14
C ILE A 348 14.05 25.12 7.17
N ALA A 349 15.25 24.73 6.74
CA ALA A 349 16.32 24.42 7.67
C ALA A 349 16.77 25.67 8.44
N SER A 350 17.05 26.76 7.72
CA SER A 350 17.48 27.99 8.37
C SER A 350 16.27 28.72 8.96
N ARG A 351 15.51 28.01 9.77
CA ARG A 351 14.24 28.46 10.33
C ARG A 351 14.06 27.77 11.67
N MET A 352 12.81 27.65 12.12
CA MET A 352 12.43 27.05 13.40
C MET A 352 13.25 25.78 13.68
N PRO A 353 13.64 25.55 14.94
CA PRO A 353 14.62 24.50 15.26
C PRO A 353 14.31 23.11 14.72
N ALA A 354 15.33 22.24 14.74
CA ALA A 354 15.21 20.93 14.13
C ALA A 354 14.12 20.10 14.78
N GLU A 355 13.99 20.18 16.11
CA GLU A 355 12.98 19.37 16.79
C GLU A 355 11.58 19.93 16.56
N GLU A 356 11.45 21.24 16.40
CA GLU A 356 10.15 21.82 16.11
C GLU A 356 9.66 21.38 14.74
N ILE A 357 10.57 21.23 13.78
CA ILE A 357 10.20 20.73 12.46
C ILE A 357 9.73 19.29 12.55
N LYS A 358 10.48 18.44 13.24
CA LYS A 358 10.16 17.02 13.29
C LYS A 358 8.85 16.74 14.00
N ARG A 359 8.32 17.69 14.77
CA ARG A 359 7.01 17.55 15.39
C ARG A 359 5.91 18.12 14.50
N ARG A 360 6.13 19.31 13.95
CA ARG A 360 5.11 19.92 13.09
C ARG A 360 4.95 19.16 11.78
N LEU A 361 6.00 18.52 11.29
CA LEU A 361 5.98 17.82 10.01
C LEU A 361 6.45 16.38 10.22
N PRO A 362 5.61 15.54 10.83
CA PRO A 362 6.04 14.17 11.13
C PRO A 362 6.28 13.30 9.92
N SER A 363 5.27 13.20 9.04
CA SER A 363 5.34 12.25 7.94
C SER A 363 6.29 12.71 6.85
N MET A 364 6.26 14.00 6.52
CA MET A 364 7.06 14.51 5.42
C MET A 364 8.56 14.37 5.71
N TYR A 365 8.98 14.72 6.93
CA TYR A 365 10.38 14.61 7.30
C TYR A 365 10.87 13.16 7.22
N HIS A 366 10.11 12.24 7.80
CA HIS A 366 10.50 10.84 7.79
C HIS A 366 10.56 10.29 6.38
N GLN A 367 9.53 10.57 5.58
CA GLN A 367 9.48 10.06 4.22
C GLN A 367 10.66 10.59 3.41
N PHE A 368 10.93 11.89 3.51
CA PHE A 368 12.01 12.47 2.72
C PHE A 368 13.36 11.93 3.14
N ILE A 369 13.59 11.78 4.45
CA ILE A 369 14.89 11.31 4.90
C ILE A 369 15.10 9.85 4.51
N GLU A 370 14.04 9.02 4.57
CA GLU A 370 14.22 7.62 4.25
C GLU A 370 14.20 7.34 2.76
N LEU A 371 13.68 8.25 1.94
CA LEU A 371 13.53 7.98 0.52
C LEU A 371 14.51 8.74 -0.36
N ALA A 372 14.85 9.99 -0.02
CA ALA A 372 15.75 10.78 -0.84
C ALA A 372 17.02 11.19 -0.12
N GLU A 373 17.21 10.75 1.13
CA GLU A 373 18.36 11.16 1.96
C GLU A 373 18.44 12.68 2.06
N VAL A 374 17.27 13.33 2.13
CA VAL A 374 17.17 14.78 2.24
C VAL A 374 16.71 15.10 3.65
N ASP A 375 17.53 15.84 4.39
CA ASP A 375 17.20 16.24 5.75
C ASP A 375 16.44 17.55 5.70
N ILE A 376 15.16 17.51 6.09
CA ILE A 376 14.32 18.71 6.10
C ILE A 376 14.88 19.74 7.07
N THR A 377 15.44 19.28 8.19
CA THR A 377 15.99 20.17 9.19
C THR A 377 17.38 20.70 8.84
N LYS A 378 17.99 20.24 7.75
CA LYS A 378 19.34 20.63 7.41
C LYS A 378 19.49 21.28 6.04
N ASP A 379 18.71 20.86 5.04
CA ASP A 379 18.92 21.29 3.67
C ASP A 379 17.61 21.71 3.01
N ALA A 380 17.74 22.57 2.02
CA ALA A 380 16.59 23.07 1.28
C ALA A 380 16.03 21.99 0.36
N MET A 381 14.79 22.21 -0.08
CA MET A 381 14.12 21.29 -0.98
C MET A 381 14.34 21.75 -2.43
N GLU A 382 13.67 21.09 -3.36
CA GLU A 382 13.85 21.32 -4.79
C GLU A 382 12.49 21.39 -5.48
N VAL A 383 11.60 22.22 -4.96
CA VAL A 383 10.19 22.16 -5.33
C VAL A 383 9.93 22.92 -6.61
N GLY A 384 8.80 22.60 -7.26
CA GLY A 384 8.39 23.21 -8.50
C GLY A 384 7.01 22.74 -8.93
N PRO A 385 6.47 23.34 -9.99
CA PRO A 385 5.10 22.99 -10.42
C PRO A 385 4.98 21.54 -10.85
N THR A 386 3.88 20.91 -10.43
CA THR A 386 3.64 19.49 -10.70
C THR A 386 2.20 19.28 -11.14
N CYS A 387 2.01 18.50 -12.20
CA CYS A 387 0.68 18.14 -12.68
C CYS A 387 0.07 17.07 -11.79
N HIS A 388 -1.16 17.29 -11.34
CA HIS A 388 -1.81 16.40 -10.39
C HIS A 388 -3.07 15.76 -10.94
N TYR A 389 -4.01 16.56 -11.44
CA TYR A 389 -5.34 16.07 -11.78
C TYR A 389 -5.83 16.79 -13.03
N VAL A 390 -6.66 16.12 -13.81
CA VAL A 390 -7.28 16.71 -14.99
C VAL A 390 -8.78 16.73 -14.75
N MET A 391 -9.36 17.94 -14.79
CA MET A 391 -10.79 18.11 -14.58
C MET A 391 -11.60 17.88 -15.85
N GLY A 392 -10.96 17.79 -17.01
CA GLY A 392 -11.64 17.48 -18.24
C GLY A 392 -11.75 15.99 -18.48
N GLY A 393 -12.43 15.65 -19.56
CA GLY A 393 -12.60 14.25 -19.90
C GLY A 393 -13.75 14.06 -20.86
N ILE A 394 -14.24 12.83 -20.91
CA ILE A 394 -15.31 12.48 -21.84
C ILE A 394 -16.61 13.14 -21.39
N GLU A 395 -17.26 13.82 -22.33
CA GLU A 395 -18.53 14.50 -22.04
C GLU A 395 -19.62 13.45 -21.81
N VAL A 396 -20.17 13.43 -20.60
CA VAL A 396 -21.10 12.39 -20.19
C VAL A 396 -22.49 12.99 -20.11
N ASP A 397 -23.49 12.11 -20.21
CA ASP A 397 -24.80 12.42 -19.69
C ASP A 397 -24.74 12.40 -18.17
N PRO A 398 -25.26 13.42 -17.47
CA PRO A 398 -25.13 13.42 -16.01
C PRO A 398 -25.79 12.22 -15.32
N ASP A 399 -27.00 11.86 -15.73
CA ASP A 399 -27.73 10.78 -15.04
C ASP A 399 -27.15 9.42 -15.40
N THR A 400 -27.14 9.08 -16.69
CA THR A 400 -26.45 7.89 -17.16
C THR A 400 -24.97 8.21 -17.30
N ALA A 401 -24.22 7.40 -18.02
CA ALA A 401 -22.84 7.72 -18.35
C ALA A 401 -22.74 8.17 -19.81
N ALA A 402 -21.50 8.20 -20.31
CA ALA A 402 -21.10 9.02 -21.44
C ALA A 402 -21.66 8.51 -22.76
N GLY A 403 -21.10 9.03 -23.85
CA GLY A 403 -21.34 8.52 -25.19
C GLY A 403 -22.33 9.35 -25.98
N ALA A 404 -21.99 9.67 -27.22
CA ALA A 404 -22.93 10.38 -28.07
C ALA A 404 -23.71 9.42 -28.95
N THR A 405 -23.01 8.74 -29.86
CA THR A 405 -23.60 7.71 -30.73
C THR A 405 -23.61 6.31 -30.10
N PRO A 406 -22.51 5.84 -29.50
CA PRO A 406 -22.41 4.40 -29.21
C PRO A 406 -23.04 3.99 -27.89
N GLY A 407 -22.89 2.72 -27.54
CA GLY A 407 -23.13 2.28 -26.18
C GLY A 407 -21.88 2.41 -25.34
N LEU A 408 -21.38 3.63 -25.20
CA LEU A 408 -20.14 3.91 -24.49
C LEU A 408 -20.46 4.66 -23.20
N PHE A 409 -19.72 4.34 -22.14
CA PHE A 409 -19.97 4.91 -20.83
C PHE A 409 -18.63 5.24 -20.17
N ALA A 410 -18.63 6.24 -19.31
CA ALA A 410 -17.39 6.70 -18.70
C ALA A 410 -17.65 7.23 -17.30
N ALA A 411 -16.65 7.08 -16.43
CA ALA A 411 -16.74 7.53 -15.05
C ALA A 411 -15.33 7.73 -14.50
N GLY A 412 -15.23 8.57 -13.48
CA GLY A 412 -13.96 8.79 -12.81
C GLY A 412 -13.18 9.98 -13.33
N GLU A 413 -11.85 9.88 -13.31
CA GLU A 413 -11.03 11.00 -13.78
C GLU A 413 -11.10 11.16 -15.29
N CYS A 414 -11.28 10.07 -16.03
CA CYS A 414 -11.43 10.19 -17.48
C CYS A 414 -12.73 10.86 -17.88
N SER A 415 -13.68 10.99 -16.95
CA SER A 415 -14.92 11.70 -17.20
C SER A 415 -14.72 13.21 -17.01
N GLY A 416 -15.60 13.98 -17.63
CA GLY A 416 -15.55 15.42 -17.53
C GLY A 416 -16.90 16.00 -17.20
N GLY A 417 -16.88 17.10 -16.45
CA GLY A 417 -18.09 17.84 -16.18
C GLY A 417 -18.37 18.14 -14.72
N MET A 418 -18.07 17.20 -13.83
CA MET A 418 -18.35 17.42 -12.42
C MET A 418 -17.59 18.62 -11.85
N HIS A 419 -16.26 18.57 -11.90
CA HIS A 419 -15.43 19.67 -11.46
C HIS A 419 -15.20 20.60 -12.65
N GLY A 420 -15.73 21.81 -12.57
CA GLY A 420 -15.66 22.70 -13.71
C GLY A 420 -14.27 23.22 -13.98
N SER A 421 -13.77 24.06 -13.08
CA SER A 421 -12.45 24.64 -13.20
C SER A 421 -11.48 24.17 -12.12
N ASN A 422 -11.98 23.50 -11.09
CA ASN A 422 -11.17 23.15 -9.93
C ASN A 422 -11.94 22.13 -9.11
N ARG A 423 -11.22 21.16 -8.58
CA ARG A 423 -11.79 20.11 -7.74
C ARG A 423 -11.57 20.40 -6.27
N LEU A 424 -12.57 20.05 -5.47
CA LEU A 424 -12.42 20.01 -4.02
C LEU A 424 -11.70 18.73 -3.63
N GLY A 425 -10.84 18.83 -2.62
CA GLY A 425 -10.22 17.64 -2.08
C GLY A 425 -11.26 16.75 -1.44
N GLY A 426 -11.22 15.46 -1.76
CA GLY A 426 -12.18 14.51 -1.27
C GLY A 426 -13.33 14.23 -2.21
N ASN A 427 -13.58 15.13 -3.16
CA ASN A 427 -14.71 14.96 -4.07
C ASN A 427 -14.43 13.91 -5.12
N SER A 428 -13.17 13.69 -5.48
CA SER A 428 -12.86 12.70 -6.51
C SER A 428 -13.16 11.28 -6.04
N LEU A 429 -12.79 10.96 -4.80
CA LEU A 429 -12.98 9.60 -4.30
C LEU A 429 -14.46 9.24 -4.23
N SER A 430 -15.31 10.17 -3.78
CA SER A 430 -16.74 9.90 -3.75
C SER A 430 -17.37 9.97 -5.14
N ASP A 431 -16.85 10.83 -6.01
CA ASP A 431 -17.22 10.83 -7.42
C ASP A 431 -17.05 9.44 -8.00
N LEU A 432 -15.92 8.79 -7.68
CA LEU A 432 -15.67 7.45 -8.19
C LEU A 432 -16.84 6.51 -7.89
N LEU A 433 -17.26 6.46 -6.63
CA LEU A 433 -18.33 5.54 -6.26
C LEU A 433 -19.65 5.94 -6.91
N VAL A 434 -20.03 7.22 -6.77
CA VAL A 434 -21.34 7.67 -7.25
C VAL A 434 -21.48 7.39 -8.74
N PHE A 435 -20.50 7.83 -9.53
CA PHE A 435 -20.66 7.75 -10.97
C PHE A 435 -20.17 6.44 -11.56
N GLY A 436 -19.39 5.64 -10.83
CA GLY A 436 -19.20 4.26 -11.23
C GLY A 436 -20.48 3.47 -11.12
N ARG A 437 -21.22 3.66 -10.01
CA ARG A 437 -22.52 3.02 -9.91
C ARG A 437 -23.47 3.50 -11.01
N ARG A 438 -23.50 4.82 -11.26
CA ARG A 438 -24.35 5.33 -12.33
C ARG A 438 -23.97 4.75 -13.68
N ALA A 439 -22.67 4.62 -13.95
CA ALA A 439 -22.21 4.10 -15.23
C ALA A 439 -22.58 2.63 -15.40
N GLY A 440 -22.39 1.83 -14.36
CA GLY A 440 -22.78 0.43 -14.43
C GLY A 440 -24.27 0.27 -14.66
N LEU A 441 -25.08 1.09 -13.97
CA LEU A 441 -26.53 0.99 -14.14
C LEU A 441 -26.96 1.44 -15.53
N GLY A 442 -26.31 2.48 -16.07
CA GLY A 442 -26.63 2.92 -17.40
C GLY A 442 -26.25 1.91 -18.46
N ALA A 443 -25.11 1.25 -18.29
CA ALA A 443 -24.73 0.16 -19.19
C ALA A 443 -25.74 -0.98 -19.13
N ALA A 444 -26.18 -1.34 -17.93
CA ALA A 444 -27.16 -2.41 -17.81
C ALA A 444 -28.48 -2.04 -18.49
N ASP A 445 -28.94 -0.80 -18.30
CA ASP A 445 -30.15 -0.36 -18.97
C ASP A 445 -30.00 -0.39 -20.48
N TYR A 446 -28.87 0.07 -20.99
CA TYR A 446 -28.65 0.07 -22.43
C TYR A 446 -28.65 -1.35 -22.99
N VAL A 447 -28.00 -2.27 -22.29
CA VAL A 447 -27.92 -3.65 -22.77
C VAL A 447 -29.29 -4.32 -22.74
N ARG A 448 -30.08 -4.07 -21.69
CA ARG A 448 -31.43 -4.63 -21.64
C ARG A 448 -32.37 -4.00 -22.67
N ALA A 449 -32.15 -2.75 -23.05
CA ALA A 449 -33.01 -2.07 -24.01
C ALA A 449 -32.53 -2.25 -25.45
N LEU A 450 -31.82 -3.33 -25.75
CA LEU A 450 -31.15 -3.49 -27.03
C LEU A 450 -31.86 -4.54 -27.87
N PRO A 451 -32.31 -4.20 -29.09
CA PRO A 451 -33.01 -5.20 -29.93
C PRO A 451 -32.09 -6.32 -30.40
N ASP A 452 -30.94 -5.97 -30.97
CA ASP A 452 -29.97 -6.95 -31.41
C ASP A 452 -28.57 -6.48 -31.07
N ARG A 453 -27.64 -7.41 -31.01
CA ARG A 453 -26.30 -7.06 -30.56
C ARG A 453 -25.41 -6.71 -31.74
N PRO A 454 -24.66 -5.61 -31.67
CA PRO A 454 -23.75 -5.26 -32.76
C PRO A 454 -22.64 -6.30 -32.93
N LYS A 455 -22.19 -6.44 -34.16
CA LYS A 455 -21.23 -7.47 -34.54
C LYS A 455 -19.88 -6.86 -34.91
N VAL A 456 -18.81 -7.46 -34.40
CA VAL A 456 -17.47 -7.01 -34.76
C VAL A 456 -17.14 -7.47 -36.18
N SER A 457 -16.55 -6.58 -36.96
CA SER A 457 -16.10 -6.88 -38.31
C SER A 457 -14.62 -7.25 -38.29
N GLU A 458 -14.25 -8.17 -39.17
CA GLU A 458 -12.87 -8.66 -39.19
C GLU A 458 -11.92 -7.60 -39.76
N ALA A 459 -12.40 -6.72 -40.64
CA ALA A 459 -11.54 -5.69 -41.20
C ALA A 459 -11.04 -4.73 -40.12
N ALA A 460 -11.91 -4.37 -39.18
CA ALA A 460 -11.49 -3.50 -38.08
C ALA A 460 -10.44 -4.17 -37.22
N VAL A 461 -10.58 -5.46 -36.96
CA VAL A 461 -9.61 -6.18 -36.16
C VAL A 461 -8.28 -6.27 -36.89
N GLU A 462 -8.31 -6.49 -38.21
CA GLU A 462 -7.07 -6.50 -38.98
C GLU A 462 -6.39 -5.14 -38.95
N ASP A 463 -7.18 -4.06 -39.07
CA ASP A 463 -6.61 -2.73 -39.00
C ASP A 463 -5.95 -2.47 -37.65
N ALA A 464 -6.62 -2.86 -36.56
CA ALA A 464 -6.05 -2.66 -35.24
C ALA A 464 -4.78 -3.47 -35.06
N THR A 465 -4.77 -4.71 -35.55
CA THR A 465 -3.57 -5.54 -35.47
C THR A 465 -2.41 -4.90 -36.23
N ARG A 466 -2.69 -4.41 -37.45
CA ARG A 466 -1.65 -3.75 -38.22
C ARG A 466 -1.12 -2.53 -37.50
N LEU A 467 -2.01 -1.73 -36.91
CA LEU A 467 -1.60 -0.53 -36.21
C LEU A 467 -0.71 -0.86 -35.01
N VAL A 468 -1.08 -1.87 -34.23
CA VAL A 468 -0.27 -2.19 -33.05
C VAL A 468 1.01 -2.92 -33.41
N LEU A 469 1.08 -3.55 -34.58
CA LEU A 469 2.31 -4.21 -34.99
C LEU A 469 3.23 -3.31 -35.81
N ALA A 470 2.77 -2.13 -36.21
CA ALA A 470 3.59 -1.24 -37.02
C ALA A 470 4.94 -0.86 -36.40
N PRO A 471 5.06 -0.57 -35.10
CA PRO A 471 6.37 -0.16 -34.57
C PRO A 471 7.46 -1.22 -34.63
N PHE A 472 7.21 -2.42 -35.15
CA PHE A 472 8.23 -3.45 -35.23
C PHE A 472 8.95 -3.49 -36.58
N GLU A 473 8.49 -2.73 -37.58
CA GLU A 473 9.16 -2.70 -38.86
C GLU A 473 10.36 -1.75 -38.81
N PRO A 474 11.36 -1.96 -39.67
CA PRO A 474 12.62 -1.20 -39.55
C PRO A 474 12.45 0.31 -39.51
N LYS A 475 11.62 0.89 -40.38
CA LYS A 475 11.28 2.31 -40.32
C LYS A 475 12.54 3.18 -40.38
N ALA A 476 13.18 3.16 -41.55
CA ALA A 476 14.35 3.99 -41.82
C ALA A 476 14.18 5.39 -41.23
N GLU A 477 15.28 5.93 -40.70
CA GLU A 477 15.31 7.09 -39.81
C GLU A 477 14.57 6.76 -38.51
N PRO A 478 15.02 5.75 -37.76
CA PRO A 478 14.25 5.28 -36.61
C PRO A 478 14.19 6.30 -35.49
N GLU A 479 13.14 6.17 -34.67
CA GLU A 479 12.93 7.00 -33.50
C GLU A 479 12.81 6.12 -32.26
N ASN A 480 13.54 6.47 -31.22
CA ASN A 480 13.42 5.78 -29.94
C ASN A 480 12.16 6.25 -29.22
N PRO A 481 11.31 5.33 -28.75
CA PRO A 481 10.11 5.77 -28.02
C PRO A 481 10.40 6.59 -26.78
N TYR A 482 11.46 6.24 -26.03
CA TYR A 482 11.78 6.95 -24.80
C TYR A 482 12.20 8.39 -25.10
N THR A 483 12.98 8.59 -26.16
CA THR A 483 13.39 9.94 -26.54
C THR A 483 12.19 10.79 -26.92
N LEU A 484 11.28 10.24 -27.71
CA LEU A 484 10.09 10.97 -28.11
C LEU A 484 9.22 11.31 -26.91
N HIS A 485 9.07 10.36 -25.99
CA HIS A 485 8.28 10.60 -24.78
C HIS A 485 8.89 11.71 -23.94
N ALA A 486 10.21 11.70 -23.77
CA ALA A 486 10.87 12.75 -23.00
C ALA A 486 10.70 14.11 -23.67
N GLU A 487 10.82 14.16 -24.99
CA GLU A 487 10.64 15.44 -25.68
C GLU A 487 9.21 15.96 -25.53
N LEU A 488 8.22 15.08 -25.63
CA LEU A 488 6.84 15.48 -25.40
C LEU A 488 6.64 16.01 -23.99
N GLN A 489 7.21 15.31 -23.00
CA GLN A 489 7.05 15.72 -21.62
C GLN A 489 7.65 17.09 -21.38
N GLN A 490 8.86 17.32 -21.93
CA GLN A 490 9.50 18.63 -21.77
C GLN A 490 8.68 19.72 -22.42
N SER A 491 8.19 19.48 -23.64
CA SER A 491 7.43 20.51 -24.35
C SER A 491 6.14 20.85 -23.61
N MET A 492 5.42 19.84 -23.12
CA MET A 492 4.18 20.10 -22.40
C MET A 492 4.44 20.81 -21.08
N ASN A 493 5.49 20.40 -20.36
CA ASN A 493 5.80 21.07 -19.10
C ASN A 493 6.18 22.54 -19.33
N ASP A 494 6.97 22.81 -20.38
CA ASP A 494 7.42 24.18 -20.61
C ASP A 494 6.29 25.07 -21.10
N LEU A 495 5.53 24.63 -22.10
CA LEU A 495 4.64 25.52 -22.83
C LEU A 495 3.18 25.40 -22.44
N VAL A 496 2.78 24.34 -21.73
CA VAL A 496 1.43 24.21 -21.20
C VAL A 496 1.59 23.90 -19.71
N GLY A 497 1.64 24.95 -18.88
CA GLY A 497 1.91 24.81 -17.48
C GLY A 497 0.85 25.49 -16.65
N ILE A 498 1.25 25.98 -15.48
CA ILE A 498 0.33 26.76 -14.67
C ILE A 498 -0.04 28.05 -15.38
N ILE A 499 0.95 28.72 -15.96
CA ILE A 499 0.76 29.99 -16.62
C ILE A 499 0.89 29.75 -18.12
N ARG A 500 -0.15 30.12 -18.86
CA ARG A 500 -0.18 29.94 -20.30
C ARG A 500 -0.06 31.29 -20.99
N LYS A 501 0.70 31.33 -22.09
CA LYS A 501 0.78 32.49 -22.94
C LYS A 501 0.44 32.06 -24.36
N GLU A 502 -0.09 32.99 -25.15
CA GLU A 502 -0.56 32.66 -26.48
C GLU A 502 0.58 32.15 -27.37
N ALA A 503 1.73 32.84 -27.31
CA ALA A 503 2.87 32.45 -28.15
C ALA A 503 3.41 31.09 -27.74
N GLU A 504 3.48 30.81 -26.44
CA GLU A 504 4.01 29.52 -26.00
C GLU A 504 3.07 28.38 -26.35
N ILE A 505 1.76 28.59 -26.26
CA ILE A 505 0.82 27.56 -26.67
C ILE A 505 0.91 27.33 -28.17
N GLN A 506 1.05 28.40 -28.95
CA GLN A 506 1.19 28.24 -30.39
C GLN A 506 2.46 27.46 -30.73
N GLU A 507 3.56 27.76 -30.04
CA GLU A 507 4.79 27.02 -30.26
C GLU A 507 4.64 25.56 -29.84
N ALA A 508 3.89 25.31 -28.77
CA ALA A 508 3.64 23.93 -28.36
C ALA A 508 2.88 23.17 -29.42
N LEU A 509 1.87 23.79 -30.03
CA LEU A 509 1.15 23.13 -31.13
C LEU A 509 2.07 22.90 -32.32
N ASP A 510 2.90 23.90 -32.64
CA ASP A 510 3.80 23.78 -33.79
C ASP A 510 4.78 22.63 -33.62
N ARG A 511 5.33 22.47 -32.42
CA ARG A 511 6.25 21.37 -32.20
C ARG A 511 5.55 20.05 -31.92
N LEU A 512 4.28 20.08 -31.52
CA LEU A 512 3.51 18.85 -31.47
C LEU A 512 3.28 18.29 -32.87
N GLN A 513 3.10 19.16 -33.86
CA GLN A 513 3.00 18.67 -35.24
C GLN A 513 4.29 17.96 -35.67
N GLU A 514 5.44 18.56 -35.38
CA GLU A 514 6.72 17.92 -35.70
C GLU A 514 6.88 16.61 -34.94
N LEU A 515 6.47 16.60 -33.68
CA LEU A 515 6.64 15.42 -32.85
C LEU A 515 5.79 14.26 -33.35
N LYS A 516 4.55 14.55 -33.77
CA LYS A 516 3.70 13.51 -34.32
C LYS A 516 4.12 13.10 -35.73
N ARG A 517 4.81 13.97 -36.46
CA ARG A 517 5.43 13.54 -37.71
C ARG A 517 6.59 12.59 -37.45
N ARG A 518 7.40 12.88 -36.42
CA ARG A 518 8.48 11.98 -36.05
C ARG A 518 7.97 10.66 -35.50
N TYR A 519 6.76 10.65 -34.92
CA TYR A 519 6.20 9.43 -34.37
C TYR A 519 5.97 8.36 -35.43
N ALA A 520 5.83 8.74 -36.70
CA ALA A 520 5.62 7.76 -37.76
C ALA A 520 6.85 6.89 -37.99
N ASN A 521 8.01 7.25 -37.43
CA ASN A 521 9.24 6.50 -37.62
C ASN A 521 9.68 5.74 -36.37
N VAL A 522 8.80 5.59 -35.38
CA VAL A 522 9.19 4.97 -34.13
C VAL A 522 9.45 3.49 -34.36
N THR A 523 10.64 3.04 -33.98
CA THR A 523 11.05 1.65 -34.14
C THR A 523 11.26 1.02 -32.77
N VAL A 524 10.75 -0.19 -32.59
CA VAL A 524 10.84 -0.91 -31.33
C VAL A 524 11.75 -2.11 -31.54
N GLU A 525 12.72 -2.28 -30.65
CA GLU A 525 13.66 -3.39 -30.72
C GLU A 525 13.22 -4.49 -29.76
N GLY A 526 13.23 -5.72 -30.23
CA GLY A 526 12.87 -6.86 -29.40
C GLY A 526 11.67 -7.62 -29.91
N GLY A 527 11.01 -8.36 -29.01
CA GLY A 527 9.84 -9.12 -29.40
C GLY A 527 8.56 -8.61 -28.76
N ARG A 528 7.60 -9.51 -28.58
CA ARG A 528 6.30 -9.14 -28.03
C ARG A 528 6.10 -9.60 -26.60
N VAL A 529 7.09 -10.25 -26.00
CA VAL A 529 6.95 -10.81 -24.66
C VAL A 529 7.27 -9.70 -23.66
N PHE A 530 6.21 -9.10 -23.13
CA PHE A 530 6.23 -8.04 -22.11
C PHE A 530 7.33 -7.02 -22.42
N ASN A 531 7.17 -6.35 -23.56
CA ASN A 531 8.15 -5.41 -24.08
C ASN A 531 7.73 -3.98 -23.75
N PRO A 532 8.27 -3.36 -22.71
CA PRO A 532 7.79 -2.02 -22.32
C PRO A 532 8.12 -0.93 -23.33
N GLY A 533 9.13 -1.11 -24.19
CA GLY A 533 9.34 -0.14 -25.25
C GLY A 533 8.22 -0.15 -26.27
N TRP A 534 7.74 -1.35 -26.62
CA TRP A 534 6.57 -1.48 -27.49
C TRP A 534 5.33 -0.86 -26.83
N HIS A 535 5.16 -1.09 -25.53
CA HIS A 535 4.02 -0.52 -24.82
C HIS A 535 4.08 1.00 -24.81
N LEU A 536 5.26 1.56 -24.60
CA LEU A 536 5.42 3.01 -24.64
C LEU A 536 5.14 3.55 -26.04
N ALA A 537 5.60 2.86 -27.07
CA ALA A 537 5.33 3.27 -28.44
C ALA A 537 3.84 3.27 -28.72
N ILE A 538 3.10 2.32 -28.15
CA ILE A 538 1.65 2.29 -28.34
C ILE A 538 1.00 3.44 -27.57
N ASP A 539 1.41 3.68 -26.33
CA ASP A 539 0.84 4.74 -25.52
C ASP A 539 1.11 6.14 -26.08
N MET A 540 2.19 6.29 -26.85
CA MET A 540 2.58 7.61 -27.32
C MET A 540 1.53 8.24 -28.23
N ARG A 541 0.78 7.43 -28.99
CA ARG A 541 -0.23 8.00 -29.87
C ARG A 541 -1.39 8.61 -29.08
N ASN A 542 -1.83 7.93 -28.02
CA ASN A 542 -2.84 8.50 -27.13
C ASN A 542 -2.31 9.75 -26.46
N MET A 543 -1.06 9.72 -26.01
CA MET A 543 -0.50 10.90 -25.36
C MET A 543 -0.43 12.08 -26.31
N LEU A 544 -0.06 11.85 -27.57
CA LEU A 544 0.01 12.93 -28.55
C LEU A 544 -1.37 13.51 -28.83
N LEU A 545 -2.37 12.64 -28.98
CA LEU A 545 -3.73 13.13 -29.23
C LEU A 545 -4.25 13.98 -28.07
N VAL A 546 -4.03 13.49 -26.84
CA VAL A 546 -4.52 14.22 -25.68
C VAL A 546 -3.77 15.54 -25.52
N SER A 547 -2.47 15.55 -25.81
CA SER A 547 -1.69 16.79 -25.73
C SER A 547 -2.19 17.81 -26.74
N GLU A 548 -2.50 17.38 -27.97
CA GLU A 548 -3.05 18.30 -28.95
C GLU A 548 -4.37 18.89 -28.48
N CYS A 549 -5.24 18.04 -27.90
CA CYS A 549 -6.52 18.52 -27.41
C CYS A 549 -6.32 19.56 -26.30
N VAL A 550 -5.44 19.27 -25.35
CA VAL A 550 -5.20 20.18 -24.23
C VAL A 550 -4.67 21.52 -24.73
N ALA A 551 -3.70 21.47 -25.65
CA ALA A 551 -3.11 22.70 -26.15
C ALA A 551 -4.12 23.55 -26.91
N LYS A 552 -4.96 22.92 -27.74
CA LYS A 552 -5.93 23.68 -28.50
C LYS A 552 -6.99 24.30 -27.59
N ALA A 553 -7.46 23.55 -26.59
CA ALA A 553 -8.42 24.11 -25.66
C ALA A 553 -7.82 25.29 -24.88
N ALA A 554 -6.57 25.14 -24.42
CA ALA A 554 -5.92 26.21 -23.68
C ALA A 554 -5.71 27.44 -24.55
N LEU A 555 -5.43 27.26 -25.83
CA LEU A 555 -5.31 28.40 -26.72
C LEU A 555 -6.66 29.07 -26.95
N GLN A 556 -7.73 28.29 -27.02
CA GLN A 556 -9.03 28.86 -27.36
C GLN A 556 -9.68 29.59 -26.20
N ARG A 557 -9.49 29.12 -24.96
CA ARG A 557 -10.15 29.78 -23.82
C ARG A 557 -9.34 31.00 -23.41
N THR A 558 -9.83 32.18 -23.77
CA THR A 558 -9.15 33.44 -23.50
C THR A 558 -9.71 34.12 -22.24
N GLU A 559 -9.54 33.43 -21.10
CA GLU A 559 -9.86 33.97 -19.78
C GLU A 559 -9.28 33.00 -18.76
N SER A 560 -9.22 33.46 -17.51
CA SER A 560 -8.62 32.68 -16.43
C SER A 560 -9.72 32.21 -15.48
N ARG A 561 -9.65 30.94 -15.10
CA ARG A 561 -10.66 30.39 -14.20
C ARG A 561 -10.12 29.10 -13.60
N GLY A 562 -9.98 29.06 -12.29
CA GLY A 562 -9.57 27.84 -11.62
C GLY A 562 -8.18 27.41 -12.02
N GLY A 563 -8.07 26.20 -12.55
CA GLY A 563 -6.78 25.64 -12.91
C GLY A 563 -6.20 26.13 -14.23
N HIS A 564 -6.94 26.91 -14.99
CA HIS A 564 -6.49 27.44 -16.27
C HIS A 564 -6.18 28.92 -16.10
N THR A 565 -4.90 29.26 -16.17
CA THR A 565 -4.45 30.64 -16.02
C THR A 565 -3.82 31.10 -17.32
N ARG A 566 -4.29 32.24 -17.84
CA ARG A 566 -3.71 32.89 -19.01
C ARG A 566 -3.05 34.17 -18.57
N ASP A 567 -1.76 34.31 -18.85
CA ASP A 567 -1.04 35.53 -18.47
C ASP A 567 -1.56 36.74 -19.23
N ASP A 568 -1.86 36.57 -20.52
CA ASP A 568 -2.35 37.68 -21.32
C ASP A 568 -3.83 37.94 -21.13
N TYR A 569 -4.54 37.09 -20.41
CA TYR A 569 -5.93 37.32 -20.00
C TYR A 569 -6.03 37.05 -18.50
N PRO A 570 -5.52 37.96 -17.68
CA PRO A 570 -5.50 37.73 -16.23
C PRO A 570 -6.86 37.88 -15.59
N GLU A 571 -7.80 38.52 -16.25
CA GLU A 571 -9.09 38.84 -15.65
C GLU A 571 -9.86 37.54 -15.48
N MET A 572 -9.75 36.96 -14.29
CA MET A 572 -10.49 35.76 -13.98
C MET A 572 -11.97 35.98 -14.26
N ASP A 573 -12.63 34.91 -14.71
CA ASP A 573 -14.08 34.87 -14.77
C ASP A 573 -14.64 35.96 -15.70
N ALA A 574 -14.37 35.78 -16.99
CA ALA A 574 -15.15 36.47 -18.00
C ALA A 574 -16.58 35.90 -17.99
N ASN A 575 -17.40 36.30 -18.96
CA ASN A 575 -18.73 35.70 -18.98
C ASN A 575 -18.54 34.19 -19.16
N TRP A 576 -18.14 33.73 -20.35
CA TRP A 576 -17.30 32.55 -20.57
C TRP A 576 -17.58 31.36 -19.64
N ARG A 577 -18.76 31.33 -19.03
CA ARG A 577 -19.08 30.32 -18.03
C ARG A 577 -20.10 29.32 -18.53
N ASN A 578 -21.01 29.74 -19.39
CA ASN A 578 -21.87 28.83 -20.14
C ASN A 578 -21.25 28.48 -21.49
N THR A 579 -19.99 28.03 -21.46
CA THR A 579 -19.29 27.56 -22.64
C THR A 579 -18.36 26.43 -22.23
N LEU A 580 -18.45 25.30 -22.93
CA LEU A 580 -17.67 24.11 -22.57
C LEU A 580 -16.49 23.84 -23.47
N LEU A 581 -16.53 24.28 -24.73
CA LEU A 581 -15.37 24.21 -25.62
C LEU A 581 -14.94 22.75 -25.85
N VAL A 582 -15.81 22.05 -26.59
CA VAL A 582 -15.76 20.60 -26.76
C VAL A 582 -14.79 20.21 -27.88
N CYS A 583 -14.02 19.14 -27.65
CA CYS A 583 -13.03 18.64 -28.61
C CYS A 583 -13.55 17.41 -29.36
N ARG A 584 -13.24 17.33 -30.66
CA ARG A 584 -13.67 16.20 -31.48
C ARG A 584 -12.60 15.88 -32.51
N VAL A 585 -12.68 14.68 -33.08
CA VAL A 585 -11.75 14.19 -34.08
C VAL A 585 -12.24 14.55 -35.48
N SER A 586 -11.33 15.03 -36.32
CA SER A 586 -11.64 15.39 -37.71
C SER A 586 -11.27 14.29 -38.70
N GLY A 587 -10.00 13.92 -38.77
CA GLY A 587 -9.59 12.83 -39.63
C GLY A 587 -8.17 12.94 -40.16
N GLY A 588 -7.55 11.77 -40.39
CA GLY A 588 -6.17 11.67 -40.81
C GLY A 588 -5.33 10.88 -39.82
N ASP A 589 -4.97 9.65 -40.17
CA ASP A 589 -4.38 8.68 -39.26
C ASP A 589 -2.87 8.80 -39.24
N PRO A 590 -2.17 8.11 -38.32
CA PRO A 590 -2.62 7.32 -37.16
C PRO A 590 -2.77 8.15 -35.89
N VAL A 591 -2.39 9.42 -35.97
CA VAL A 591 -2.66 10.39 -34.92
C VAL A 591 -3.55 11.45 -35.55
N VAL A 592 -4.85 11.36 -35.29
CA VAL A 592 -5.85 12.21 -35.93
C VAL A 592 -5.76 13.65 -35.43
N PRO A 593 -6.20 14.62 -36.22
CA PRO A 593 -6.28 16.00 -35.73
C PRO A 593 -7.65 16.29 -35.11
N ASP A 594 -7.67 17.31 -34.26
CA ASP A 594 -8.85 17.65 -33.48
C ASP A 594 -9.36 19.04 -33.83
N VAL A 595 -10.67 19.21 -33.71
CA VAL A 595 -11.33 20.50 -33.81
C VAL A 595 -12.04 20.77 -32.49
N THR A 596 -11.85 21.98 -31.96
CA THR A 596 -12.49 22.40 -30.72
C THR A 596 -13.54 23.44 -31.02
N VAL A 597 -14.75 23.23 -30.50
CA VAL A 597 -15.91 24.05 -30.78
C VAL A 597 -16.40 24.64 -29.45
N THR A 598 -17.35 25.57 -29.53
CA THR A 598 -17.83 26.31 -28.36
C THR A 598 -19.34 26.18 -28.22
N PRO A 599 -19.82 25.15 -27.50
CA PRO A 599 -21.25 25.06 -27.19
C PRO A 599 -21.60 25.70 -25.87
N GLU A 600 -22.90 25.99 -25.71
CA GLU A 600 -23.43 26.58 -24.49
C GLU A 600 -23.90 25.50 -23.53
N GLN A 601 -23.79 25.80 -22.24
CA GLN A 601 -24.25 24.90 -21.19
C GLN A 601 -25.75 25.03 -21.00
N GLN A 602 -26.32 24.01 -20.35
CA GLN A 602 -27.75 24.01 -20.05
C GLN A 602 -28.07 25.10 -19.03
N VAL A 603 -29.28 25.65 -19.14
CA VAL A 603 -29.80 26.72 -18.28
C VAL A 603 -29.41 26.43 -16.84
N PRO A 604 -28.75 27.38 -16.15
CA PRO A 604 -27.89 27.02 -15.01
C PRO A 604 -28.51 26.12 -13.96
N MET A 605 -29.56 26.54 -13.27
CA MET A 605 -30.04 25.80 -12.12
C MET A 605 -31.51 26.12 -11.89
N ARG A 606 -32.34 25.08 -11.81
CA ARG A 606 -33.78 25.27 -11.84
C ARG A 606 -34.35 25.88 -10.55
N PRO A 607 -34.47 25.17 -9.41
CA PRO A 607 -34.40 25.84 -8.10
C PRO A 607 -33.05 25.76 -7.40
N ASP A 608 -31.98 25.29 -8.06
CA ASP A 608 -30.70 25.27 -7.39
C ASP A 608 -30.11 26.67 -7.43
N LEU A 609 -30.93 27.63 -7.02
CA LEU A 609 -30.65 29.05 -6.88
C LEU A 609 -31.00 29.46 -5.46
N LEU A 610 -30.41 28.71 -4.52
CA LEU A 610 -30.92 28.50 -3.17
C LEU A 610 -31.33 29.78 -2.45
N GLY A 611 -30.41 30.70 -2.26
CA GLY A 611 -30.61 31.81 -1.36
C GLY A 611 -29.42 31.94 -0.44
N CYS A 612 -28.83 30.80 -0.08
CA CYS A 612 -27.43 30.78 0.32
C CYS A 612 -26.54 31.01 -0.88
N PHE A 613 -27.01 30.60 -2.06
CA PHE A 613 -26.58 31.23 -3.30
C PHE A 613 -27.28 32.58 -3.37
N GLU A 614 -26.67 33.61 -2.82
CA GLU A 614 -27.24 34.94 -2.90
C GLU A 614 -27.00 35.54 -4.27
N LEU A 615 -27.73 36.62 -4.57
CA LEU A 615 -27.43 37.40 -5.76
C LEU A 615 -26.04 38.00 -5.67
N SER A 616 -25.59 38.36 -4.48
CA SER A 616 -24.27 38.97 -4.32
C SER A 616 -23.18 38.01 -4.77
N GLU A 617 -23.30 36.73 -4.42
CA GLU A 617 -22.28 35.77 -4.81
C GLU A 617 -22.41 35.38 -6.27
N LEU A 618 -23.64 35.25 -6.77
CA LEU A 618 -23.85 34.82 -8.14
C LEU A 618 -23.56 35.92 -9.15
N GLU A 619 -23.54 37.18 -8.72
CA GLU A 619 -23.25 38.28 -9.61
C GLU A 619 -21.77 38.39 -9.94
N LYS A 620 -20.92 37.62 -9.26
CA LYS A 620 -19.51 37.58 -9.57
C LYS A 620 -19.15 36.52 -10.60
N TYR A 621 -20.11 35.69 -11.01
CA TYR A 621 -19.83 34.58 -11.90
C TYR A 621 -20.79 34.52 -13.07
N TYR A 622 -21.98 35.09 -12.92
CA TYR A 622 -23.03 34.98 -13.91
C TYR A 622 -23.34 36.33 -14.52
N THR A 623 -23.72 36.30 -15.80
CA THR A 623 -24.27 37.48 -16.44
C THR A 623 -25.65 37.77 -15.86
N PRO A 624 -26.18 38.98 -16.06
CA PRO A 624 -27.53 39.27 -15.56
C PRO A 624 -28.59 38.46 -16.30
N GLU A 625 -28.41 37.15 -16.30
CA GLU A 625 -29.29 36.22 -16.99
C GLU A 625 -30.23 35.47 -16.05
N GLU A 626 -30.06 35.63 -14.73
CA GLU A 626 -30.89 34.89 -13.79
C GLU A 626 -32.36 35.25 -13.93
N LEU A 627 -32.71 36.48 -13.54
CA LEU A 627 -34.06 37.03 -13.63
C LEU A 627 -35.11 36.17 -12.93
N ALA A 628 -34.69 35.11 -12.23
CA ALA A 628 -35.62 34.17 -11.63
C ALA A 628 -35.13 33.67 -10.28
N GLU A 629 -34.40 34.49 -9.53
CA GLU A 629 -33.72 34.04 -8.33
C GLU A 629 -34.29 34.64 -7.05
N HIS A 630 -34.33 35.95 -6.94
CA HIS A 630 -34.71 36.58 -5.69
C HIS A 630 -36.23 36.53 -5.52
N PRO A 631 -36.72 36.52 -4.27
CA PRO A 631 -38.16 36.52 -4.02
C PRO A 631 -38.81 37.88 -4.29
N ALA B 2 27.68 13.45 -5.30
CA ALA B 2 28.57 12.39 -5.73
C ALA B 2 27.92 11.53 -6.81
N THR B 3 28.00 11.98 -8.05
CA THR B 3 27.52 11.23 -9.19
C THR B 3 28.62 10.31 -9.68
N TYR B 4 28.32 9.01 -9.76
CA TYR B 4 29.30 8.00 -10.13
C TYR B 4 28.64 7.00 -11.06
N ASP B 5 29.43 6.04 -11.53
CA ASP B 5 28.97 4.98 -12.40
C ASP B 5 28.96 3.69 -11.58
N ALA B 6 27.77 3.11 -11.41
CA ALA B 6 27.61 1.91 -10.61
C ALA B 6 27.67 0.66 -11.47
N LYS B 7 27.85 -0.48 -10.81
CA LYS B 7 27.87 -1.78 -11.46
C LYS B 7 26.63 -2.56 -11.03
N LEU B 8 25.70 -2.73 -11.97
CA LEU B 8 24.53 -3.58 -11.80
C LEU B 8 24.78 -4.94 -12.44
N ARG B 9 24.05 -5.94 -11.96
CA ARG B 9 24.20 -7.31 -12.44
C ARG B 9 22.79 -7.91 -12.61
N VAL B 10 21.96 -7.21 -13.40
CA VAL B 10 20.56 -7.55 -13.56
C VAL B 10 20.37 -8.90 -14.25
N TRP B 11 19.40 -9.67 -13.77
CA TRP B 11 19.08 -10.99 -14.33
C TRP B 11 18.20 -10.85 -15.57
N ARG B 12 18.60 -11.50 -16.66
CA ARG B 12 17.85 -11.50 -17.91
C ARG B 12 17.50 -12.91 -18.32
N GLY B 13 16.29 -13.09 -18.85
CA GLY B 13 15.88 -14.38 -19.35
C GLY B 13 14.37 -14.54 -19.23
N ASP B 14 13.92 -15.78 -19.41
CA ASP B 14 12.51 -16.13 -19.28
C ASP B 14 12.44 -17.52 -18.64
N ASP B 15 11.26 -18.15 -18.73
CA ASP B 15 11.02 -19.43 -18.10
C ASP B 15 11.85 -20.57 -18.69
N THR B 16 12.49 -20.37 -19.85
CA THR B 16 13.32 -21.39 -20.45
C THR B 16 14.78 -21.31 -20.02
N GLY B 17 15.15 -20.33 -19.21
CA GLY B 17 16.52 -20.16 -18.78
C GLY B 17 16.87 -18.69 -18.69
N GLY B 18 17.97 -18.40 -17.99
CA GLY B 18 18.35 -17.02 -17.81
C GLY B 18 19.75 -16.91 -17.26
N GLU B 19 20.16 -15.66 -17.01
CA GLU B 19 21.54 -15.34 -16.69
C GLU B 19 21.59 -13.93 -16.15
N LEU B 20 22.61 -13.65 -15.34
CA LEU B 20 22.89 -12.29 -14.90
C LEU B 20 23.73 -11.58 -15.94
N HIS B 21 23.46 -10.29 -16.13
CA HIS B 21 24.15 -9.46 -17.11
C HIS B 21 24.72 -8.22 -16.42
N ASP B 22 25.91 -7.83 -16.85
CA ASP B 22 26.63 -6.72 -16.23
C ASP B 22 26.37 -5.43 -16.99
N TYR B 23 25.82 -4.44 -16.30
CA TYR B 23 25.56 -3.12 -16.87
C TYR B 23 26.19 -2.05 -16.00
N THR B 24 26.61 -0.96 -16.64
CA THR B 24 27.19 0.20 -15.95
C THR B 24 26.27 1.39 -16.15
N VAL B 25 25.73 1.92 -15.06
CA VAL B 25 24.76 3.01 -15.11
C VAL B 25 25.23 4.14 -14.21
N GLU B 26 24.87 5.36 -14.59
CA GLU B 26 25.18 6.55 -13.80
C GLU B 26 24.18 6.71 -12.67
N VAL B 27 24.69 6.91 -11.45
CA VAL B 27 23.88 7.05 -10.25
C VAL B 27 24.08 8.45 -9.68
N ASN B 28 22.98 9.12 -9.37
CA ASN B 28 23.00 10.41 -8.70
C ASN B 28 22.59 10.26 -7.24
N ASP B 29 22.89 11.28 -6.45
CA ASP B 29 22.52 11.28 -5.03
C ASP B 29 21.00 11.36 -4.89
N GLY B 30 20.45 10.50 -4.04
CA GLY B 30 19.03 10.54 -3.74
C GLY B 30 18.13 9.73 -4.65
N GLU B 31 18.68 8.79 -5.41
CA GLU B 31 17.89 8.00 -6.35
C GLU B 31 17.70 6.58 -5.82
N VAL B 32 16.53 6.02 -6.10
CA VAL B 32 16.23 4.63 -5.74
C VAL B 32 16.66 3.71 -6.87
N VAL B 33 16.66 2.40 -6.59
CA VAL B 33 17.03 1.40 -7.58
C VAL B 33 16.15 1.50 -8.81
N LEU B 34 14.85 1.75 -8.62
CA LEU B 34 13.92 1.80 -9.75
C LEU B 34 14.28 2.93 -10.71
N ASP B 35 14.80 4.05 -10.20
CA ASP B 35 15.27 5.11 -11.10
C ASP B 35 16.44 4.63 -11.95
N ILE B 36 17.36 3.86 -11.37
CA ILE B 36 18.49 3.33 -12.12
C ILE B 36 18.00 2.35 -13.18
N ILE B 37 16.98 1.55 -12.85
CA ILE B 37 16.40 0.63 -13.81
C ILE B 37 15.75 1.40 -14.96
N HIS B 38 15.05 2.49 -14.64
CA HIS B 38 14.42 3.31 -15.67
C HIS B 38 15.47 3.93 -16.58
N ARG B 39 16.58 4.42 -16.02
CA ARG B 39 17.65 4.97 -16.83
C ARG B 39 18.26 3.91 -17.73
N LEU B 40 18.45 2.70 -17.20
CA LEU B 40 18.97 1.60 -18.02
C LEU B 40 18.01 1.25 -19.15
N GLN B 41 16.71 1.29 -18.87
CA GLN B 41 15.71 1.04 -19.91
C GLN B 41 15.77 2.11 -20.99
N ALA B 42 15.87 3.37 -20.60
CA ALA B 42 15.85 4.46 -21.56
C ALA B 42 17.17 4.65 -22.29
N THR B 43 18.25 4.03 -21.82
CA THR B 43 19.56 4.19 -22.45
C THR B 43 20.11 2.93 -23.08
N GLN B 44 19.95 1.76 -22.46
CA GLN B 44 20.63 0.57 -22.92
C GLN B 44 19.71 -0.60 -23.24
N THR B 45 18.68 -0.83 -22.43
CA THR B 45 17.84 -2.03 -22.53
C THR B 45 16.37 -1.61 -22.64
N PRO B 46 15.92 -1.21 -23.84
CA PRO B 46 14.53 -0.76 -23.98
C PRO B 46 13.51 -1.83 -23.67
N ASP B 47 13.83 -3.10 -23.87
CA ASP B 47 12.89 -4.20 -23.72
C ASP B 47 13.04 -4.93 -22.39
N LEU B 48 13.65 -4.30 -21.39
CA LEU B 48 13.84 -4.93 -20.09
C LEU B 48 12.54 -4.93 -19.30
N ALA B 49 12.18 -6.09 -18.76
CA ALA B 49 10.90 -6.29 -18.09
C ALA B 49 10.96 -5.86 -16.63
N VAL B 50 10.05 -4.97 -16.21
CA VAL B 50 10.15 -4.37 -14.89
C VAL B 50 8.87 -4.48 -14.05
N ARG B 51 7.74 -4.01 -14.58
CA ARG B 51 6.45 -3.99 -13.87
C ARG B 51 6.49 -3.10 -12.62
N TRP B 52 6.52 -1.80 -12.87
CA TRP B 52 6.25 -0.79 -11.84
C TRP B 52 4.94 -0.09 -12.16
N ASN B 53 4.32 0.49 -11.15
CA ASN B 53 3.15 1.30 -11.48
C ASN B 53 3.15 2.70 -10.87
N CYS B 54 3.46 2.82 -9.59
CA CYS B 54 3.40 4.14 -8.96
C CYS B 54 4.74 4.81 -8.67
N LYS B 55 5.73 4.00 -8.31
CA LYS B 55 7.05 4.54 -7.97
C LYS B 55 7.12 5.39 -6.71
N ALA B 56 6.22 5.15 -5.78
CA ALA B 56 6.21 5.88 -4.52
C ALA B 56 5.96 5.00 -3.29
N GLY B 57 6.19 3.69 -3.38
CA GLY B 57 5.62 2.84 -2.37
C GLY B 57 4.12 2.78 -2.65
N LYS B 58 3.36 2.33 -1.66
CA LYS B 58 1.90 2.43 -1.68
C LYS B 58 1.24 1.45 -2.67
N CYS B 59 1.77 0.75 -3.48
CA CYS B 59 1.30 -0.42 -4.21
C CYS B 59 1.54 -1.92 -4.27
N GLY B 60 3.08 -2.25 -4.33
CA GLY B 60 3.45 -3.63 -4.53
C GLY B 60 3.79 -4.14 -5.92
N SER B 61 3.89 -3.23 -6.88
CA SER B 61 4.20 -3.64 -8.25
C SER B 61 5.67 -3.99 -8.42
N CYS B 62 6.54 -3.15 -7.85
CA CYS B 62 7.98 -3.28 -8.01
C CYS B 62 8.72 -4.22 -7.04
N SER B 63 8.10 -5.32 -6.66
CA SER B 63 8.79 -6.27 -5.80
C SER B 63 9.88 -6.99 -6.56
N ALA B 64 11.08 -7.03 -5.99
CA ALA B 64 12.19 -7.78 -6.56
C ALA B 64 13.09 -8.22 -5.41
N GLU B 65 14.24 -8.81 -5.74
CA GLU B 65 15.25 -9.17 -4.76
C GLU B 65 16.50 -8.34 -5.09
N ILE B 66 16.74 -7.29 -4.30
CA ILE B 66 17.61 -6.22 -4.75
C ILE B 66 19.07 -6.60 -4.64
N ASN B 67 19.49 -7.19 -3.52
CA ASN B 67 20.84 -7.72 -3.43
C ASN B 67 20.82 -9.03 -2.65
N GLY B 68 19.84 -9.88 -2.98
CA GLY B 68 19.56 -11.07 -2.21
C GLY B 68 18.39 -10.92 -1.25
N ARG B 69 17.92 -9.69 -1.03
CA ARG B 69 16.86 -9.39 -0.09
C ARG B 69 15.60 -8.97 -0.83
N PRO B 70 14.45 -9.57 -0.51
CA PRO B 70 13.19 -9.11 -1.11
C PRO B 70 12.84 -7.68 -0.71
N ARG B 71 12.82 -6.79 -1.69
CA ARG B 71 12.61 -5.37 -1.48
C ARG B 71 11.63 -4.83 -2.53
N LEU B 72 11.22 -3.58 -2.33
CA LEU B 72 10.58 -2.79 -3.36
C LEU B 72 11.65 -1.95 -4.05
N MET B 73 11.64 -1.97 -5.38
CA MET B 73 12.66 -1.23 -6.13
C MET B 73 12.50 0.28 -5.96
N CYS B 74 11.27 0.73 -5.80
CA CYS B 74 10.99 2.16 -5.64
C CYS B 74 11.27 2.69 -4.23
N MET B 75 11.68 1.80 -3.32
CA MET B 75 11.98 2.21 -1.96
C MET B 75 13.40 1.88 -1.51
N THR B 76 14.24 1.35 -2.39
CA THR B 76 15.60 0.97 -2.04
C THR B 76 16.54 2.13 -2.35
N ARG B 77 17.22 2.65 -1.32
CA ARG B 77 17.79 3.99 -1.39
C ARG B 77 18.99 4.09 -2.32
N MET B 78 19.66 2.98 -2.61
CA MET B 78 20.73 2.92 -3.62
C MET B 78 21.98 3.63 -3.11
N SER B 79 21.86 4.32 -2.00
CA SER B 79 23.00 4.75 -1.20
C SER B 79 23.28 3.77 -0.07
N THR B 80 22.44 2.75 0.05
CA THR B 80 22.74 1.62 0.92
C THR B 80 24.03 0.92 0.51
N PHE B 81 24.40 1.07 -0.76
CA PHE B 81 25.50 0.32 -1.37
C PHE B 81 26.67 1.26 -1.64
N GLY B 82 27.88 0.71 -1.55
CA GLY B 82 29.06 1.48 -1.88
C GLY B 82 29.17 1.76 -3.36
N GLU B 83 30.04 2.72 -3.68
CA GLU B 83 30.24 3.09 -5.09
C GLU B 83 31.04 2.04 -5.85
N ASP B 84 31.79 1.19 -5.16
CA ASP B 84 32.50 0.08 -5.78
C ASP B 84 31.83 -1.26 -5.48
N GLU B 85 30.60 -1.24 -4.96
CA GLU B 85 29.85 -2.45 -4.68
C GLU B 85 28.94 -2.79 -5.86
N VAL B 86 28.84 -4.07 -6.17
CA VAL B 86 28.00 -4.54 -7.27
C VAL B 86 26.60 -4.82 -6.73
N VAL B 87 25.59 -4.28 -7.39
CA VAL B 87 24.19 -4.49 -7.01
C VAL B 87 23.57 -5.47 -7.99
N THR B 88 22.98 -6.54 -7.45
CA THR B 88 22.49 -7.66 -8.26
C THR B 88 20.98 -7.75 -8.14
N VAL B 89 20.27 -7.36 -9.20
CA VAL B 89 18.81 -7.29 -9.19
C VAL B 89 18.28 -8.50 -9.95
N THR B 90 17.45 -9.29 -9.27
CA THR B 90 16.83 -10.49 -9.81
C THR B 90 15.35 -10.47 -9.49
N PRO B 91 14.54 -11.23 -10.23
CA PRO B 91 13.12 -11.34 -9.90
C PRO B 91 12.91 -12.15 -8.63
N LEU B 92 11.66 -12.14 -8.16
CA LEU B 92 11.29 -12.97 -7.02
C LEU B 92 11.51 -14.44 -7.36
N ARG B 93 12.10 -15.18 -6.43
CA ARG B 93 12.51 -16.56 -6.67
C ARG B 93 11.50 -17.58 -6.18
N THR B 94 10.35 -17.15 -5.69
CA THR B 94 9.31 -18.08 -5.24
C THR B 94 8.26 -18.35 -6.29
N PHE B 95 8.05 -17.42 -7.22
CA PHE B 95 7.00 -17.52 -8.21
C PHE B 95 7.58 -17.79 -9.59
N PRO B 96 6.81 -18.38 -10.50
CA PRO B 96 7.32 -18.61 -11.85
C PRO B 96 7.67 -17.32 -12.54
N VAL B 97 8.77 -17.34 -13.28
CA VAL B 97 9.30 -16.15 -13.93
C VAL B 97 8.60 -15.94 -15.26
N MET B 98 8.08 -14.72 -15.47
CA MET B 98 7.56 -14.36 -16.79
C MET B 98 8.69 -13.93 -17.71
N ARG B 99 9.39 -12.87 -17.34
CA ARG B 99 10.56 -12.41 -18.06
C ARG B 99 11.51 -11.78 -17.04
N ASP B 100 12.39 -10.90 -17.49
CA ASP B 100 13.59 -10.52 -16.75
C ASP B 100 13.36 -10.28 -15.26
N LEU B 101 12.52 -9.30 -14.90
CA LEU B 101 12.27 -9.01 -13.49
C LEU B 101 10.81 -9.22 -13.11
N VAL B 102 10.01 -9.82 -13.98
CA VAL B 102 8.59 -9.98 -13.77
C VAL B 102 8.30 -11.45 -13.53
N THR B 103 7.55 -11.74 -12.47
CA THR B 103 7.15 -13.10 -12.13
C THR B 103 5.64 -13.23 -12.25
N ASP B 104 5.18 -14.48 -12.34
CA ASP B 104 3.76 -14.77 -12.41
C ASP B 104 3.21 -14.85 -11.00
N VAL B 105 2.77 -13.71 -10.48
CA VAL B 105 2.16 -13.65 -9.14
C VAL B 105 0.66 -13.86 -9.38
N SER B 106 0.28 -15.12 -9.53
CA SER B 106 -1.11 -15.51 -9.66
C SER B 106 -1.52 -16.56 -8.64
N PHE B 107 -0.56 -17.26 -8.05
CA PHE B 107 -0.83 -18.10 -6.89
C PHE B 107 -1.52 -17.29 -5.79
N ASN B 108 -1.11 -16.05 -5.62
CA ASN B 108 -1.72 -15.18 -4.61
C ASN B 108 -3.17 -14.86 -4.94
N TYR B 109 -3.46 -14.53 -6.20
CA TYR B 109 -4.83 -14.22 -6.57
C TYR B 109 -5.70 -15.47 -6.58
N GLU B 110 -5.11 -16.66 -6.75
CA GLU B 110 -5.87 -17.89 -6.60
C GLU B 110 -6.17 -18.18 -5.13
N LYS B 111 -5.22 -17.89 -4.25
CA LYS B 111 -5.47 -18.02 -2.81
C LYS B 111 -6.47 -17.01 -2.31
N ALA B 112 -6.56 -15.85 -2.95
CA ALA B 112 -7.42 -14.79 -2.45
C ALA B 112 -8.90 -15.16 -2.49
N ARG B 113 -9.31 -16.00 -3.43
CA ARG B 113 -10.72 -16.35 -3.59
C ARG B 113 -11.07 -17.69 -2.97
N GLN B 114 -10.19 -18.26 -2.15
CA GLN B 114 -10.54 -19.42 -1.35
C GLN B 114 -10.93 -19.05 0.07
N ILE B 115 -10.49 -17.91 0.57
CA ILE B 115 -10.81 -17.47 1.92
C ILE B 115 -12.24 -16.91 1.93
N PRO B 116 -13.10 -17.34 2.85
CA PRO B 116 -14.43 -16.74 2.96
C PRO B 116 -14.35 -15.25 3.22
N SER B 117 -15.24 -14.49 2.59
CA SER B 117 -15.19 -13.05 2.63
C SER B 117 -15.90 -12.52 3.86
N PHE B 118 -15.92 -11.20 3.99
CA PHE B 118 -16.60 -10.56 5.11
C PHE B 118 -18.09 -10.86 5.07
N THR B 119 -18.62 -11.32 6.19
CA THR B 119 -20.05 -11.64 6.31
C THR B 119 -20.66 -10.81 7.42
N PRO B 120 -21.46 -9.79 7.10
CA PRO B 120 -22.13 -9.01 8.15
C PRO B 120 -23.40 -9.71 8.60
N PRO B 121 -23.98 -9.30 9.73
CA PRO B 121 -25.29 -9.83 10.11
C PRO B 121 -26.33 -9.48 9.05
N LYS B 122 -27.23 -10.41 8.79
CA LYS B 122 -28.23 -10.21 7.74
C LYS B 122 -29.50 -9.55 8.27
N ASP B 123 -29.31 -8.50 9.06
CA ASP B 123 -30.37 -7.54 9.38
C ASP B 123 -29.87 -6.10 9.38
N LEU B 124 -28.57 -5.87 9.52
CA LEU B 124 -28.02 -4.54 9.69
C LEU B 124 -28.04 -3.78 8.37
N GLN B 125 -28.54 -2.54 8.41
CA GLN B 125 -28.62 -1.67 7.26
C GLN B 125 -27.31 -0.93 7.05
N PRO B 126 -27.03 -0.48 5.82
CA PRO B 126 -25.73 0.15 5.55
C PRO B 126 -25.42 1.36 6.42
N GLY B 127 -26.41 2.19 6.73
CA GLY B 127 -26.16 3.34 7.58
C GLY B 127 -26.20 3.08 9.06
N GLU B 128 -26.45 1.84 9.48
CA GLU B 128 -26.69 1.51 10.87
C GLU B 128 -25.53 0.75 11.52
N TYR B 129 -24.39 0.66 10.84
CA TYR B 129 -23.23 0.02 11.44
C TYR B 129 -22.65 0.87 12.57
N ARG B 130 -22.25 0.22 13.66
CA ARG B 130 -21.65 0.90 14.79
C ARG B 130 -20.43 0.10 15.24
N MET B 131 -19.26 0.73 15.21
CA MET B 131 -18.03 0.11 15.69
C MET B 131 -17.21 1.13 16.45
N GLN B 132 -16.65 0.70 17.58
CA GLN B 132 -15.74 1.54 18.34
C GLN B 132 -14.32 1.38 17.80
N GLN B 133 -13.51 2.41 18.04
CA GLN B 133 -12.16 2.44 17.48
C GLN B 133 -11.29 1.31 18.03
N GLU B 134 -11.38 1.07 19.34
CA GLU B 134 -10.58 0.00 19.95
C GLU B 134 -11.00 -1.37 19.44
N ASP B 135 -12.23 -1.50 18.94
CA ASP B 135 -12.68 -2.76 18.35
C ASP B 135 -12.16 -2.97 16.94
N VAL B 136 -11.68 -1.91 16.29
CA VAL B 136 -11.25 -2.01 14.90
C VAL B 136 -9.76 -1.78 14.72
N ASN B 137 -9.02 -1.42 15.78
CA ASN B 137 -7.60 -1.12 15.62
C ASN B 137 -6.81 -2.32 15.10
N ARG B 138 -7.08 -3.52 15.64
CA ARG B 138 -6.29 -4.68 15.28
C ARG B 138 -6.44 -5.03 13.81
N SER B 139 -7.67 -4.99 13.29
CA SER B 139 -7.89 -5.27 11.88
C SER B 139 -7.44 -4.12 10.99
N GLN B 140 -7.53 -2.88 11.49
CA GLN B 140 -7.03 -1.75 10.72
C GLN B 140 -5.54 -1.84 10.51
N GLU B 141 -4.81 -2.44 11.45
CA GLU B 141 -3.38 -2.66 11.22
C GLU B 141 -3.13 -3.57 10.02
N PHE B 142 -3.90 -4.65 9.91
CA PHE B 142 -3.73 -5.56 8.79
C PHE B 142 -4.26 -4.99 7.48
N ARG B 143 -5.18 -4.03 7.54
CA ARG B 143 -5.65 -3.41 6.31
C ARG B 143 -4.63 -2.46 5.68
N LYS B 144 -3.46 -2.28 6.30
CA LYS B 144 -2.40 -1.48 5.72
C LYS B 144 -1.67 -2.19 4.60
N CYS B 145 -1.94 -3.47 4.41
CA CYS B 145 -1.21 -4.29 3.45
C CYS B 145 -1.28 -4.02 1.93
N ILE B 146 -0.24 -3.40 1.38
CA ILE B 146 -0.16 -3.25 -0.06
C ILE B 146 0.27 -4.60 -0.62
N GLU B 147 -0.53 -5.17 -1.51
CA GLU B 147 -0.29 -6.56 -1.86
C GLU B 147 0.95 -6.69 -2.71
N CYS B 148 2.12 -6.59 -2.06
CA CYS B 148 3.39 -6.71 -2.75
C CYS B 148 3.77 -8.20 -2.85
N PHE B 149 3.38 -8.96 -1.84
CA PHE B 149 3.67 -10.40 -1.80
C PHE B 149 5.14 -10.70 -1.52
N LEU B 150 5.85 -9.75 -0.91
CA LEU B 150 7.22 -10.02 -0.50
C LEU B 150 7.26 -11.04 0.62
N CYS B 151 6.24 -11.01 1.46
CA CYS B 151 6.12 -11.96 2.56
C CYS B 151 5.95 -13.35 1.95
N GLN B 152 5.05 -13.46 0.97
CA GLN B 152 4.83 -14.72 0.28
C GLN B 152 6.09 -15.20 -0.40
N ASN B 153 6.86 -14.27 -0.97
CA ASN B 153 8.10 -14.64 -1.64
C ASN B 153 9.12 -15.20 -0.66
N VAL B 154 9.26 -14.60 0.52
CA VAL B 154 10.39 -14.93 1.38
C VAL B 154 10.10 -16.15 2.25
N CYS B 155 8.83 -16.41 2.53
CA CYS B 155 8.46 -17.54 3.37
C CYS B 155 9.15 -18.80 2.89
N HIS B 156 9.76 -19.56 3.81
CA HIS B 156 10.44 -20.77 3.38
C HIS B 156 9.50 -21.95 3.17
N VAL B 157 8.27 -21.87 3.69
CA VAL B 157 7.33 -22.98 3.51
C VAL B 157 7.07 -23.23 2.04
N VAL B 158 6.85 -22.16 1.28
CA VAL B 158 6.61 -22.28 -0.16
C VAL B 158 7.81 -21.87 -1.00
N ARG B 159 8.71 -21.03 -0.48
CA ARG B 159 9.90 -20.65 -1.23
C ARG B 159 10.81 -21.85 -1.48
N ASP B 160 10.98 -22.71 -0.49
CA ASP B 160 11.90 -23.83 -0.59
C ASP B 160 11.20 -25.15 -0.86
N HIS B 161 9.88 -25.16 -0.96
CA HIS B 161 9.13 -26.40 -1.16
C HIS B 161 7.95 -26.12 -2.08
N GLU B 162 8.03 -26.63 -3.32
CA GLU B 162 6.96 -26.39 -4.28
C GLU B 162 5.73 -27.24 -3.96
N GLU B 163 5.92 -28.37 -3.28
CA GLU B 163 4.79 -29.24 -2.95
C GLU B 163 3.89 -28.65 -1.88
N ASN B 164 4.36 -27.67 -1.12
CA ASN B 164 3.59 -27.04 -0.07
C ASN B 164 2.73 -25.90 -0.56
N LYS B 165 2.78 -25.57 -1.86
CA LYS B 165 2.02 -24.45 -2.38
C LYS B 165 0.51 -24.69 -2.26
N GLU B 166 0.07 -25.92 -2.49
CA GLU B 166 -1.35 -26.22 -2.44
C GLU B 166 -1.87 -26.38 -1.02
N ASN B 167 -0.99 -26.55 -0.04
CA ASN B 167 -1.42 -26.76 1.34
C ASN B 167 -1.29 -25.52 2.21
N PHE B 168 -0.50 -24.53 1.80
CA PHE B 168 -0.20 -23.37 2.61
C PHE B 168 -0.63 -22.12 1.87
N ALA B 169 -1.35 -21.23 2.57
CA ALA B 169 -1.84 -20.01 1.94
C ALA B 169 -0.79 -18.91 1.94
N GLY B 170 0.10 -18.90 2.91
CA GLY B 170 1.12 -17.88 3.01
C GLY B 170 0.82 -16.86 4.07
N PRO B 171 1.84 -16.07 4.46
CA PRO B 171 1.64 -15.05 5.50
C PRO B 171 0.55 -14.05 5.20
N ARG B 172 0.44 -13.59 3.96
CA ARG B 172 -0.52 -12.54 3.63
C ARG B 172 -1.95 -13.00 3.88
N PHE B 173 -2.26 -14.23 3.50
CA PHE B 173 -3.65 -14.68 3.56
C PHE B 173 -4.01 -15.24 4.92
N HIS B 174 -3.05 -15.75 5.70
CA HIS B 174 -3.33 -16.01 7.10
C HIS B 174 -3.51 -14.71 7.87
N MET B 175 -2.77 -13.66 7.49
CA MET B 175 -3.03 -12.34 8.05
C MET B 175 -4.42 -11.84 7.66
N ARG B 176 -4.86 -12.14 6.43
CA ARG B 176 -6.22 -11.78 6.01
C ARG B 176 -7.26 -12.53 6.83
N ILE B 177 -7.01 -13.81 7.11
CA ILE B 177 -7.91 -14.59 7.96
C ILE B 177 -7.97 -13.97 9.36
N ALA B 178 -6.83 -13.56 9.90
CA ALA B 178 -6.82 -12.90 11.20
C ALA B 178 -7.58 -11.58 11.16
N GLU B 179 -7.44 -10.83 10.08
CA GLU B 179 -8.14 -9.56 9.93
C GLU B 179 -9.65 -9.78 9.91
N LEU B 180 -10.11 -10.82 9.21
CA LEU B 180 -11.54 -11.10 9.19
C LEU B 180 -12.02 -11.67 10.51
N ASP B 181 -11.17 -12.42 11.21
CA ASP B 181 -11.54 -12.99 12.51
C ASP B 181 -11.66 -11.92 13.59
N MET B 182 -10.83 -10.88 13.52
CA MET B 182 -10.88 -9.81 14.50
C MET B 182 -11.83 -8.69 14.12
N HIS B 183 -12.52 -8.80 13.00
CA HIS B 183 -13.54 -7.81 12.64
C HIS B 183 -14.69 -7.89 13.64
N PRO B 184 -15.06 -6.78 14.28
CA PRO B 184 -16.12 -6.84 15.30
C PRO B 184 -17.48 -7.23 14.78
N LEU B 185 -17.75 -7.07 13.48
CA LEU B 185 -19.07 -7.34 12.92
C LEU B 185 -19.12 -8.56 12.02
N ASP B 186 -18.02 -9.28 11.84
CA ASP B 186 -18.03 -10.49 11.03
C ASP B 186 -18.70 -11.63 11.78
N THR B 187 -19.23 -12.59 11.02
CA THR B 187 -20.03 -13.68 11.55
C THR B 187 -19.38 -15.05 11.40
N VAL B 188 -18.60 -15.26 10.34
CA VAL B 188 -18.00 -16.57 10.06
C VAL B 188 -16.83 -16.81 11.02
N ASP B 189 -16.63 -18.09 11.37
CA ASP B 189 -15.59 -18.43 12.35
C ASP B 189 -14.21 -18.52 11.69
N ARG B 190 -14.03 -19.44 10.75
CA ARG B 190 -12.82 -19.64 9.96
C ARG B 190 -11.65 -20.24 10.75
N LYS B 191 -11.80 -20.44 12.06
CA LYS B 191 -10.68 -20.93 12.86
C LYS B 191 -10.27 -22.35 12.44
N GLU B 192 -11.26 -23.24 12.28
CA GLU B 192 -10.95 -24.61 11.88
C GLU B 192 -10.35 -24.66 10.48
N MET B 193 -10.88 -23.87 9.55
CA MET B 193 -10.41 -23.94 8.18
C MET B 193 -9.00 -23.35 8.05
N ALA B 194 -8.67 -22.36 8.87
CA ALA B 194 -7.32 -21.80 8.86
C ALA B 194 -6.27 -22.87 9.11
N GLN B 195 -6.60 -23.87 9.91
CA GLN B 195 -5.69 -24.98 10.20
C GLN B 195 -5.84 -26.13 9.22
N ASP B 196 -7.07 -26.42 8.79
CA ASP B 196 -7.32 -27.64 8.03
C ASP B 196 -7.14 -27.49 6.53
N GLU B 197 -7.56 -26.37 5.94
CA GLU B 197 -7.42 -26.18 4.50
C GLU B 197 -6.36 -25.17 4.10
N PHE B 198 -6.03 -24.22 4.96
CA PHE B 198 -5.02 -23.21 4.62
C PHE B 198 -3.69 -23.46 5.31
N GLY B 199 -3.57 -24.53 6.07
CA GLY B 199 -2.27 -24.99 6.56
C GLY B 199 -1.55 -24.07 7.52
N LEU B 200 -2.24 -23.56 8.54
CA LEU B 200 -1.57 -22.72 9.52
C LEU B 200 -0.50 -23.48 10.29
N GLY B 201 -0.63 -24.81 10.37
CA GLY B 201 0.38 -25.61 11.05
C GLY B 201 1.71 -25.67 10.34
N TYR B 202 1.72 -25.42 9.03
CA TYR B 202 2.98 -25.42 8.29
C TYR B 202 3.88 -24.28 8.71
N CYS B 203 3.16 -23.30 9.19
CA CYS B 203 3.93 -22.15 9.64
C CYS B 203 4.67 -22.49 10.92
N ASN B 204 6.14 -22.56 10.88
CA ASN B 204 6.98 -22.31 12.03
C ASN B 204 7.29 -20.81 12.03
N ILE B 205 7.49 -20.25 13.21
CA ILE B 205 7.28 -18.83 13.39
C ILE B 205 8.59 -18.06 13.30
N THR B 206 9.51 -18.57 12.48
CA THR B 206 10.84 -18.02 12.30
C THR B 206 10.86 -16.56 11.86
N LYS B 207 9.71 -16.01 11.46
CA LYS B 207 9.45 -14.58 11.43
C LYS B 207 10.17 -13.84 10.30
N CYS B 208 10.70 -14.53 9.30
CA CYS B 208 11.38 -13.84 8.20
C CYS B 208 10.44 -13.05 7.33
N CYS B 209 9.14 -13.29 7.46
CA CYS B 209 8.16 -12.48 6.75
C CYS B 209 8.14 -11.03 7.31
N THR B 210 7.71 -10.86 8.55
CA THR B 210 7.64 -9.66 9.21
C THR B 210 8.84 -9.02 8.92
N GLU B 211 9.90 -9.67 8.60
CA GLU B 211 11.06 -8.79 8.45
C GLU B 211 11.17 -8.16 7.07
N VAL B 212 10.38 -8.59 6.08
CA VAL B 212 10.45 -8.04 4.74
C VAL B 212 9.32 -7.07 4.44
N CYS B 213 8.34 -6.98 5.33
CA CYS B 213 7.17 -6.11 5.08
C CYS B 213 7.49 -4.62 4.96
N PRO B 214 7.26 -4.05 3.76
CA PRO B 214 7.51 -2.61 3.64
C PRO B 214 6.57 -1.77 4.48
N GLU B 215 5.43 -2.30 4.86
CA GLU B 215 4.45 -1.58 5.67
C GLU B 215 4.67 -1.77 7.16
N HIS B 216 5.67 -2.57 7.56
CA HIS B 216 6.02 -2.79 8.95
C HIS B 216 4.85 -3.34 9.75
N ILE B 217 4.09 -4.24 9.13
CA ILE B 217 3.02 -4.95 9.82
C ILE B 217 3.65 -6.06 10.66
N LYS B 218 3.23 -6.18 11.92
CA LYS B 218 3.72 -7.21 12.82
C LYS B 218 2.99 -8.52 12.51
N ILE B 219 3.37 -9.12 11.38
CA ILE B 219 2.62 -10.25 10.83
C ILE B 219 2.63 -11.42 11.80
N THR B 220 3.82 -11.79 12.30
CA THR B 220 3.92 -12.96 13.16
C THR B 220 3.31 -12.70 14.54
N ASP B 221 3.64 -11.57 15.14
CA ASP B 221 3.25 -11.33 16.53
C ASP B 221 1.78 -10.95 16.66
N ASN B 222 1.23 -10.22 15.70
CA ASN B 222 -0.13 -9.72 15.82
C ASN B 222 -1.16 -10.56 15.08
N ALA B 223 -0.74 -11.38 14.12
CA ALA B 223 -1.68 -12.16 13.33
C ALA B 223 -1.48 -13.66 13.48
N LEU B 224 -0.26 -14.15 13.26
CA LEU B 224 -0.04 -15.59 13.15
C LEU B 224 -0.07 -16.28 14.50
N ILE B 225 0.67 -15.76 15.48
CA ILE B 225 0.64 -16.35 16.82
C ILE B 225 -0.74 -16.25 17.47
N PRO B 226 -1.45 -15.11 17.42
CA PRO B 226 -2.83 -15.11 17.94
C PRO B 226 -3.74 -16.12 17.26
N MET B 227 -3.62 -16.30 15.95
CA MET B 227 -4.47 -17.28 15.27
C MET B 227 -4.08 -18.70 15.65
N LYS B 228 -2.79 -18.96 15.86
CA LYS B 228 -2.37 -20.27 16.35
C LYS B 228 -2.93 -20.53 17.73
N GLU B 229 -2.95 -19.51 18.59
CA GLU B 229 -3.53 -19.67 19.92
C GLU B 229 -5.04 -19.93 19.85
N ARG B 230 -5.74 -19.25 18.93
CA ARG B 230 -7.17 -19.53 18.76
C ARG B 230 -7.42 -20.92 18.21
N VAL B 231 -6.59 -21.37 17.28
CA VAL B 231 -6.71 -22.73 16.76
C VAL B 231 -6.45 -23.74 17.88
N ALA B 232 -5.50 -23.44 18.77
CA ALA B 232 -5.25 -24.31 19.90
C ALA B 232 -6.43 -24.32 20.87
N ASP B 233 -7.09 -23.17 21.04
CA ASP B 233 -8.35 -23.12 21.77
C ASP B 233 -9.33 -24.13 21.19
N ARG B 234 -9.49 -24.11 19.87
CA ARG B 234 -10.52 -24.94 19.24
C ARG B 234 -10.15 -26.41 19.17
N LYS B 235 -8.87 -26.74 19.06
CA LYS B 235 -8.44 -28.08 18.68
C LYS B 235 -7.52 -28.77 19.67
N TYR B 236 -6.60 -28.04 20.30
CA TYR B 236 -5.50 -28.65 21.04
C TYR B 236 -5.54 -28.29 22.52
N ASP B 237 -6.72 -28.11 23.08
CA ASP B 237 -6.86 -27.72 24.49
C ASP B 237 -7.61 -28.79 25.24
N PRO B 238 -6.95 -29.59 26.09
CA PRO B 238 -7.64 -30.69 26.77
C PRO B 238 -8.73 -30.27 27.73
N ILE B 239 -8.92 -28.96 27.93
CA ILE B 239 -10.01 -28.47 28.74
C ILE B 239 -11.26 -28.44 27.88
N VAL B 240 -11.99 -29.54 27.85
CA VAL B 240 -13.18 -29.68 27.02
C VAL B 240 -14.25 -30.45 27.79
N ALA C 10 16.48 -29.03 -8.66
CA ALA C 10 16.29 -29.55 -7.32
C ALA C 10 14.87 -29.26 -6.82
N THR C 11 14.76 -28.66 -5.63
CA THR C 11 13.49 -28.61 -4.93
C THR C 11 12.92 -27.19 -4.79
N GLY C 12 13.63 -26.29 -4.13
CA GLY C 12 12.95 -25.05 -3.78
C GLY C 12 13.11 -23.86 -4.71
N VAL C 13 14.34 -23.39 -4.91
CA VAL C 13 14.61 -22.33 -5.85
C VAL C 13 15.26 -22.84 -7.11
N PHE C 14 15.54 -24.14 -7.17
CA PHE C 14 16.06 -24.80 -8.35
C PHE C 14 14.99 -25.59 -9.08
N SER C 15 13.72 -25.33 -8.75
CA SER C 15 12.59 -25.93 -9.42
C SER C 15 12.55 -25.48 -10.88
N PRO C 16 11.92 -26.29 -11.75
CA PRO C 16 11.98 -25.99 -13.19
C PRO C 16 11.39 -24.66 -13.60
N ARG C 17 10.32 -24.20 -12.94
CA ARG C 17 9.62 -23.00 -13.38
C ARG C 17 10.19 -21.71 -12.79
N ARG C 18 11.08 -21.80 -11.82
CA ARG C 18 11.60 -20.61 -11.17
C ARG C 18 12.85 -20.10 -11.89
N ALA C 19 13.15 -18.83 -11.69
CA ALA C 19 14.23 -18.18 -12.42
C ALA C 19 15.57 -18.87 -12.15
N GLN C 20 16.35 -19.03 -13.19
CA GLN C 20 17.58 -19.83 -13.18
C GLN C 20 18.69 -19.05 -12.49
N ILE C 21 18.75 -19.18 -11.17
CA ILE C 21 19.85 -18.66 -10.36
C ILE C 21 20.53 -19.82 -9.65
N PRO C 22 21.72 -20.26 -10.10
CA PRO C 22 22.39 -21.41 -9.47
C PRO C 22 23.23 -21.04 -8.25
N GLU C 23 22.68 -20.19 -7.39
CA GLU C 23 23.34 -19.79 -6.16
C GLU C 23 22.38 -19.96 -5.00
N ARG C 24 22.87 -20.56 -3.91
CA ARG C 24 22.01 -20.86 -2.78
C ARG C 24 21.42 -19.58 -2.20
N THR C 25 22.23 -18.53 -2.09
CA THR C 25 21.73 -17.20 -1.78
C THR C 25 22.59 -16.19 -2.51
N LEU C 26 22.02 -15.01 -2.75
CA LEU C 26 22.75 -13.90 -3.34
C LEU C 26 23.09 -12.82 -2.32
N ARG C 27 22.83 -13.08 -1.04
CA ARG C 27 23.16 -12.12 0.00
C ARG C 27 24.67 -11.99 0.16
N THR C 28 25.13 -10.77 0.42
CA THR C 28 26.55 -10.48 0.56
C THR C 28 26.96 -10.14 1.98
N ASP C 29 26.01 -10.09 2.92
CA ASP C 29 26.30 -9.83 4.31
C ASP C 29 26.67 -11.13 5.02
N ARG C 30 26.86 -11.06 6.33
CA ARG C 30 27.15 -12.24 7.15
C ARG C 30 25.82 -12.71 7.76
N TRP C 31 25.02 -13.39 6.93
CA TRP C 31 23.71 -13.84 7.37
C TRP C 31 23.79 -14.97 8.38
N TRP C 32 24.95 -15.61 8.51
CA TRP C 32 25.15 -16.72 9.43
C TRP C 32 25.63 -16.27 10.80
N GLN C 33 25.73 -14.97 11.04
CA GLN C 33 26.30 -14.48 12.30
C GLN C 33 25.32 -14.66 13.45
N ALA C 34 24.05 -14.31 13.24
CA ALA C 34 23.05 -14.46 14.30
C ALA C 34 22.83 -15.91 14.70
N PRO C 35 22.72 -16.89 13.79
CA PRO C 35 22.59 -18.28 14.25
C PRO C 35 23.74 -18.75 15.12
N LEU C 36 24.97 -18.34 14.82
CA LEU C 36 26.09 -18.71 15.67
C LEU C 36 25.94 -18.14 17.07
N LEU C 37 25.56 -16.87 17.17
CA LEU C 37 25.39 -16.26 18.49
C LEU C 37 24.30 -16.98 19.27
N THR C 38 23.19 -17.30 18.60
CA THR C 38 22.13 -18.05 19.25
C THR C 38 22.63 -19.41 19.75
N ASN C 39 23.40 -20.11 18.92
CA ASN C 39 23.86 -21.44 19.28
C ASN C 39 24.82 -21.40 20.46
N LEU C 40 25.79 -20.49 20.44
CA LEU C 40 26.71 -20.37 21.57
C LEU C 40 26.00 -19.95 22.84
N GLY C 41 25.06 -19.01 22.77
CA GLY C 41 24.35 -18.61 23.96
C GLY C 41 23.54 -19.75 24.56
N LEU C 42 22.79 -20.46 23.72
CA LEU C 42 21.99 -21.59 24.19
C LEU C 42 22.87 -22.69 24.76
N ALA C 43 23.98 -23.00 24.08
CA ALA C 43 24.86 -24.06 24.56
C ALA C 43 25.49 -23.70 25.89
N ALA C 44 25.94 -22.45 26.04
CA ALA C 44 26.53 -22.03 27.30
C ALA C 44 25.52 -22.14 28.44
N PHE C 45 24.29 -21.64 28.22
CA PHE C 45 23.30 -21.73 29.28
C PHE C 45 22.99 -23.17 29.63
N VAL C 46 22.81 -24.02 28.62
CA VAL C 46 22.45 -25.42 28.89
C VAL C 46 23.55 -26.12 29.66
N ILE C 47 24.80 -25.91 29.25
CA ILE C 47 25.92 -26.56 29.94
C ILE C 47 25.99 -26.12 31.40
N TYR C 48 25.95 -24.80 31.62
CA TYR C 48 26.05 -24.30 32.99
C TYR C 48 24.88 -24.79 33.84
N ALA C 49 23.67 -24.73 33.29
CA ALA C 49 22.49 -25.12 34.05
C ALA C 49 22.53 -26.59 34.41
N THR C 50 22.91 -27.45 33.46
CA THR C 50 22.99 -28.88 33.75
C THR C 50 24.02 -29.17 34.83
N ILE C 51 25.23 -28.62 34.68
CA ILE C 51 26.29 -28.89 35.66
C ILE C 51 25.86 -28.42 37.04
N ARG C 52 25.33 -27.20 37.13
CA ARG C 52 24.99 -26.65 38.44
C ARG C 52 23.78 -27.35 39.05
N ALA C 53 22.82 -27.76 38.23
CA ALA C 53 21.65 -28.46 38.75
C ALA C 53 22.01 -29.84 39.27
N PHE C 54 22.97 -30.52 38.64
CA PHE C 54 23.36 -31.83 39.10
C PHE C 54 24.53 -31.82 40.07
N TRP C 55 25.09 -30.64 40.39
CA TRP C 55 26.22 -30.61 41.32
C TRP C 55 25.82 -31.10 42.70
N GLY C 56 24.66 -30.69 43.20
CA GLY C 56 24.17 -31.19 44.45
C GLY C 56 24.72 -30.53 45.69
N SER C 57 25.52 -29.48 45.55
CA SER C 57 26.05 -28.78 46.71
C SER C 57 26.25 -27.31 46.36
N ALA C 58 26.54 -26.52 47.39
CA ALA C 58 26.78 -25.07 47.26
C ALA C 58 25.57 -24.37 46.63
N TYR C 59 24.44 -24.47 47.32
CA TYR C 59 23.20 -23.88 46.84
C TYR C 59 22.39 -23.17 47.91
N TRP C 60 22.84 -23.16 49.17
CA TRP C 60 22.06 -22.66 50.29
C TRP C 60 22.98 -21.96 51.27
N VAL C 61 22.66 -20.71 51.61
CA VAL C 61 23.33 -19.98 52.68
C VAL C 61 22.44 -20.04 53.91
N ALA C 62 22.92 -20.70 54.97
CA ALA C 62 22.10 -20.88 56.16
C ALA C 62 21.90 -19.56 56.90
N ASP C 63 22.89 -18.68 56.88
CA ASP C 63 22.83 -17.45 57.67
C ASP C 63 21.76 -16.51 57.14
N TYR C 64 21.75 -16.25 55.83
CA TYR C 64 20.87 -15.27 55.23
C TYR C 64 19.76 -15.90 54.42
N HIS C 65 19.60 -17.22 54.49
CA HIS C 65 18.50 -17.93 53.84
C HIS C 65 18.47 -17.64 52.33
N TYR C 66 19.62 -17.84 51.68
CA TYR C 66 19.74 -17.67 50.25
C TYR C 66 19.63 -19.02 49.57
N LEU C 67 18.75 -19.13 48.58
CA LEU C 67 18.55 -20.36 47.85
C LEU C 67 18.58 -20.08 46.35
N THR C 68 19.39 -20.85 45.64
CA THR C 68 19.47 -20.70 44.19
C THR C 68 18.14 -21.08 43.55
N PRO C 69 17.69 -20.34 42.53
CA PRO C 69 16.49 -20.77 41.79
C PRO C 69 16.64 -22.11 41.11
N PHE C 70 17.86 -22.54 40.77
CA PHE C 70 18.07 -23.84 40.17
C PHE C 70 17.87 -24.99 41.17
N TYR C 71 17.75 -24.68 42.46
CA TYR C 71 17.45 -25.68 43.49
C TYR C 71 16.20 -25.30 44.28
N SER C 72 15.32 -24.47 43.71
CA SER C 72 14.37 -23.73 44.54
C SER C 72 13.38 -24.64 45.25
N PRO C 73 12.51 -25.40 44.57
CA PRO C 73 11.68 -26.36 45.32
C PRO C 73 12.55 -27.52 45.76
N CYS C 74 12.85 -27.59 47.05
CA CYS C 74 13.88 -28.47 47.58
C CYS C 74 13.21 -29.41 48.57
N VAL C 75 12.64 -30.50 48.05
CA VAL C 75 11.65 -31.29 48.76
C VAL C 75 12.19 -32.64 49.21
N SER C 76 13.50 -32.77 49.36
CA SER C 76 14.10 -34.04 49.77
C SER C 76 14.67 -33.91 51.18
N THR C 77 14.80 -35.05 51.86
CA THR C 77 15.38 -35.05 53.19
C THR C 77 16.90 -35.04 53.16
N ALA C 78 17.50 -35.12 51.98
CA ALA C 78 18.95 -35.00 51.81
C ALA C 78 19.39 -33.57 51.60
N CYS C 79 18.45 -32.62 51.65
CA CYS C 79 18.71 -31.22 51.40
C CYS C 79 19.28 -30.54 52.64
N ALA C 80 19.93 -29.39 52.42
CA ALA C 80 20.53 -28.66 53.52
C ALA C 80 19.45 -28.20 54.49
N PRO C 81 19.74 -28.19 55.79
CA PRO C 81 18.73 -27.78 56.78
C PRO C 81 18.22 -26.38 56.50
N GLY C 82 16.89 -26.24 56.48
CA GLY C 82 16.24 -24.97 56.23
C GLY C 82 15.94 -24.67 54.79
N SER C 83 16.42 -25.50 53.85
CA SER C 83 16.19 -25.25 52.43
C SER C 83 14.80 -25.67 51.97
N SER C 84 14.14 -26.55 52.72
CA SER C 84 12.82 -27.06 52.34
C SER C 84 11.77 -26.11 52.91
N HIS C 85 11.24 -25.24 52.06
CA HIS C 85 10.21 -24.28 52.46
C HIS C 85 8.80 -24.82 52.32
N PHE C 86 8.62 -25.93 51.61
CA PHE C 86 7.31 -26.56 51.44
C PHE C 86 7.33 -28.00 51.94
N GLY C 87 8.16 -28.28 52.93
CA GLY C 87 8.26 -29.60 53.50
C GLY C 87 9.24 -30.50 52.75
N GLN C 88 9.56 -31.62 53.38
CA GLN C 88 10.41 -32.64 52.79
C GLN C 88 9.54 -33.85 52.47
N TRP C 89 9.56 -34.26 51.20
CA TRP C 89 8.61 -35.26 50.71
C TRP C 89 9.25 -36.57 50.29
N VAL C 90 10.43 -36.56 49.67
CA VAL C 90 10.96 -37.72 48.95
C VAL C 90 12.40 -37.99 49.39
N GLY C 91 12.57 -38.90 50.34
CA GLY C 91 13.78 -39.67 50.54
C GLY C 91 15.12 -39.03 50.24
N ASP C 92 15.96 -39.75 49.50
CA ASP C 92 17.29 -39.30 49.10
C ASP C 92 17.50 -39.61 47.63
N LEU C 93 18.14 -38.66 46.92
CA LEU C 93 18.11 -38.85 45.47
C LEU C 93 19.40 -39.51 44.98
N PRO C 94 19.28 -40.42 44.00
CA PRO C 94 20.44 -41.20 43.50
C PRO C 94 21.17 -40.58 42.32
N TRP C 95 21.93 -39.51 42.57
CA TRP C 95 23.02 -39.05 41.70
C TRP C 95 22.60 -38.65 40.30
N PHE C 96 21.36 -38.91 39.90
CA PHE C 96 20.89 -38.47 38.60
C PHE C 96 19.51 -37.85 38.63
N ILE C 97 18.87 -37.81 39.79
CA ILE C 97 17.70 -36.97 40.03
C ILE C 97 18.20 -35.65 40.60
N PRO C 98 18.00 -34.53 39.91
CA PRO C 98 18.40 -33.25 40.49
C PRO C 98 17.54 -32.91 41.69
N MET C 99 18.11 -32.12 42.60
CA MET C 99 17.39 -31.77 43.83
C MET C 99 16.13 -30.96 43.54
N ALA C 100 16.03 -30.36 42.35
CA ALA C 100 14.88 -29.57 41.94
C ALA C 100 14.16 -30.23 40.77
N PHE C 101 13.97 -31.55 40.86
CA PHE C 101 13.31 -32.32 39.81
C PHE C 101 11.84 -31.97 39.66
N ILE C 102 11.26 -31.26 40.63
CA ILE C 102 9.85 -30.89 40.54
C ILE C 102 9.66 -29.78 39.50
N SER C 103 10.56 -28.81 39.48
CA SER C 103 10.39 -27.60 38.68
C SER C 103 11.24 -27.55 37.43
N LEU C 104 12.43 -28.14 37.45
CA LEU C 104 13.30 -28.06 36.27
C LEU C 104 12.67 -28.64 35.01
N PRO C 105 12.01 -29.81 35.02
CA PRO C 105 11.34 -30.25 33.79
C PRO C 105 10.31 -29.27 33.28
N PHE C 106 9.53 -28.65 34.17
CA PHE C 106 8.49 -27.73 33.73
C PHE C 106 9.08 -26.44 33.16
N LEU C 107 10.14 -25.93 33.78
CA LEU C 107 10.78 -24.73 33.25
C LEU C 107 11.47 -25.01 31.91
N LEU C 108 12.11 -26.17 31.79
CA LEU C 108 12.71 -26.55 30.52
C LEU C 108 11.66 -26.66 29.43
N ALA C 109 10.51 -27.28 29.74
CA ALA C 109 9.44 -27.39 28.75
C ALA C 109 8.84 -26.02 28.43
N PHE C 110 8.73 -25.15 29.44
CA PHE C 110 8.19 -23.82 29.22
C PHE C 110 9.05 -23.02 28.26
N ARG C 111 10.37 -23.09 28.42
CA ARG C 111 11.23 -22.37 27.51
C ARG C 111 11.44 -23.10 26.18
N LEU C 112 11.22 -24.41 26.14
CA LEU C 112 11.31 -25.14 24.89
C LEU C 112 10.10 -24.91 24.00
N THR C 113 8.93 -24.69 24.60
CA THR C 113 7.74 -24.40 23.83
C THR C 113 7.49 -22.91 23.63
N CYS C 114 8.39 -22.07 24.16
CA CYS C 114 8.25 -20.63 24.00
C CYS C 114 8.26 -20.28 22.52
N TYR C 115 7.41 -19.34 22.12
CA TYR C 115 7.32 -18.94 20.73
C TYR C 115 8.62 -18.31 20.25
N TYR C 116 9.25 -17.46 21.06
CA TYR C 116 10.53 -16.88 20.65
C TYR C 116 11.60 -17.95 20.52
N TYR C 117 11.70 -18.85 21.50
CA TYR C 117 12.75 -19.86 21.46
C TYR C 117 12.56 -20.80 20.29
N ARG C 118 11.30 -21.08 19.93
CA ARG C 118 11.06 -21.91 18.74
C ARG C 118 11.63 -21.26 17.51
N LYS C 119 11.40 -19.97 17.33
CA LYS C 119 12.04 -19.24 16.23
C LYS C 119 13.55 -19.40 16.28
N ALA C 120 14.14 -19.17 17.46
CA ALA C 120 15.59 -19.19 17.60
C ALA C 120 16.18 -20.52 17.18
N TYR C 121 15.66 -21.62 17.73
CA TYR C 121 16.31 -22.88 17.38
C TYR C 121 15.82 -23.48 16.06
N TYR C 122 14.62 -23.15 15.59
CA TYR C 122 14.25 -23.54 14.24
C TYR C 122 15.17 -22.89 13.22
N ARG C 123 15.61 -21.66 13.47
CA ARG C 123 16.60 -21.05 12.62
C ARG C 123 17.98 -21.66 12.82
N SER C 124 18.40 -21.83 14.07
CA SER C 124 19.80 -22.12 14.38
C SER C 124 20.15 -23.60 14.28
N VAL C 125 19.37 -24.47 14.89
CA VAL C 125 19.68 -25.90 14.95
C VAL C 125 19.04 -26.64 13.79
N TRP C 126 17.75 -26.43 13.57
CA TRP C 126 17.03 -27.15 12.54
C TRP C 126 17.20 -26.54 11.16
N GLN C 127 17.78 -25.34 11.08
CA GLN C 127 18.08 -24.67 9.81
C GLN C 127 16.83 -24.53 8.95
N SER C 128 15.69 -24.23 9.57
CA SER C 128 14.46 -24.21 8.80
C SER C 128 14.53 -23.05 7.80
N PRO C 129 14.50 -21.79 8.19
CA PRO C 129 15.41 -20.86 7.51
C PRO C 129 16.66 -20.66 8.37
N THR C 130 17.84 -20.91 7.83
CA THR C 130 19.05 -20.46 8.52
C THR C 130 19.08 -18.94 8.56
N ALA C 131 18.84 -18.32 7.41
CA ALA C 131 18.57 -16.89 7.29
C ALA C 131 17.36 -16.74 6.37
N CYS C 132 16.94 -15.49 6.16
CA CYS C 132 15.60 -15.26 5.63
C CYS C 132 15.45 -15.71 4.18
N ALA C 133 16.39 -15.36 3.32
CA ALA C 133 16.31 -15.71 1.91
C ALA C 133 17.42 -16.66 1.49
N VAL C 134 17.83 -17.54 2.39
CA VAL C 134 18.82 -18.57 2.13
C VAL C 134 18.10 -19.92 2.06
N ALA C 135 18.38 -20.69 1.02
CA ALA C 135 17.57 -21.87 0.73
C ALA C 135 17.90 -23.02 1.67
N GLU C 136 16.89 -23.85 1.93
CA GLU C 136 16.95 -24.86 2.98
C GLU C 136 17.90 -26.00 2.63
N PRO C 137 18.56 -26.58 3.63
CA PRO C 137 19.18 -27.89 3.45
C PRO C 137 18.22 -29.07 3.62
N HIS C 138 16.92 -28.83 3.63
CA HIS C 138 15.90 -29.86 3.78
C HIS C 138 15.10 -29.97 2.49
N ALA C 139 14.72 -31.20 2.14
CA ALA C 139 13.93 -31.45 0.94
C ALA C 139 12.44 -31.50 1.24
N LYS C 140 12.05 -32.06 2.38
CA LYS C 140 10.67 -32.09 2.82
C LYS C 140 10.51 -31.19 4.05
N TYR C 141 9.28 -30.71 4.24
CA TYR C 141 8.99 -29.82 5.37
C TYR C 141 7.52 -29.93 5.72
N THR C 142 7.22 -30.31 6.96
CA THR C 142 5.85 -30.35 7.43
C THR C 142 5.52 -29.26 8.45
N GLY C 143 6.53 -28.61 9.00
CA GLY C 143 6.27 -27.54 9.96
C GLY C 143 5.91 -28.12 11.32
N GLU C 144 4.81 -27.63 11.88
CA GLU C 144 4.30 -28.08 13.17
C GLU C 144 3.01 -28.86 13.01
N THR C 145 2.94 -29.69 11.96
CA THR C 145 1.73 -30.44 11.64
C THR C 145 1.76 -31.89 12.10
N ARG C 146 2.94 -32.46 12.31
CA ARG C 146 3.09 -33.88 12.60
C ARG C 146 3.33 -34.10 14.09
N PHE C 147 3.40 -35.37 14.49
CA PHE C 147 3.24 -35.73 15.90
C PHE C 147 4.23 -35.05 16.84
N PRO C 148 5.55 -35.06 16.59
CA PRO C 148 6.44 -34.41 17.57
C PRO C 148 6.18 -32.92 17.71
N LEU C 149 6.20 -32.18 16.61
CA LEU C 149 6.12 -30.73 16.68
C LEU C 149 4.70 -30.20 16.83
N ILE C 150 3.67 -31.04 16.67
CA ILE C 150 2.31 -30.60 16.96
C ILE C 150 2.13 -30.36 18.46
N LEU C 151 3.02 -30.91 19.29
CA LEU C 151 2.92 -30.78 20.73
C LEU C 151 3.35 -29.40 21.23
N GLN C 152 3.84 -28.53 20.36
CA GLN C 152 4.18 -27.18 20.78
C GLN C 152 2.96 -26.34 21.11
N ASN C 153 1.76 -26.84 20.84
CA ASN C 153 0.52 -26.11 21.05
C ASN C 153 0.02 -26.17 22.49
N ILE C 154 0.70 -26.89 23.38
CA ILE C 154 0.32 -26.95 24.78
C ILE C 154 1.14 -25.98 25.62
N HIS C 155 1.70 -24.94 25.00
CA HIS C 155 2.58 -24.01 25.70
C HIS C 155 1.88 -23.28 26.84
N ARG C 156 0.57 -23.05 26.73
CA ARG C 156 -0.15 -22.32 27.76
C ARG C 156 -0.15 -23.06 29.09
N TYR C 157 -0.09 -24.39 29.06
CA TYR C 157 -0.08 -25.14 30.31
C TYR C 157 1.28 -25.03 31.00
N PHE C 158 2.35 -25.02 30.22
CA PHE C 158 3.66 -24.72 30.79
C PHE C 158 3.73 -23.27 31.24
N PHE C 159 2.93 -22.39 30.65
CA PHE C 159 2.82 -21.03 31.14
C PHE C 159 2.17 -20.98 32.51
N TYR C 160 1.10 -21.77 32.71
CA TYR C 160 0.49 -21.85 34.03
C TYR C 160 1.48 -22.42 35.06
N ALA C 161 2.20 -23.47 34.68
CA ALA C 161 3.21 -24.04 35.57
C ALA C 161 4.29 -23.01 35.89
N ALA C 162 4.68 -22.21 34.90
CA ALA C 162 5.68 -21.17 35.13
C ALA C 162 5.16 -20.09 36.06
N VAL C 163 3.87 -19.79 36.00
CA VAL C 163 3.29 -18.86 36.96
C VAL C 163 3.42 -19.40 38.38
N LEU C 164 3.12 -20.69 38.56
CA LEU C 164 3.25 -21.28 39.89
C LEU C 164 4.71 -21.27 40.36
N ILE C 165 5.64 -21.61 39.46
CA ILE C 165 7.05 -21.63 39.84
C ILE C 165 7.56 -20.22 40.14
N SER C 166 7.05 -19.21 39.42
CA SER C 166 7.39 -17.83 39.73
C SER C 166 6.89 -17.44 41.11
N LEU C 167 5.71 -17.92 41.49
CA LEU C 167 5.24 -17.67 42.85
C LEU C 167 6.16 -18.32 43.88
N VAL C 168 6.62 -19.53 43.60
CA VAL C 168 7.55 -20.20 44.51
C VAL C 168 8.85 -19.41 44.65
N ASN C 169 9.39 -18.94 43.52
CA ASN C 169 10.60 -18.13 43.56
C ASN C 169 10.39 -16.80 44.27
N THR C 170 9.20 -16.21 44.14
CA THR C 170 8.89 -14.99 44.88
C THR C 170 8.89 -15.25 46.38
N TYR C 171 8.34 -16.39 46.80
CA TYR C 171 8.38 -16.74 48.21
C TYR C 171 9.83 -16.90 48.67
N ASP C 172 10.66 -17.56 47.86
CA ASP C 172 12.07 -17.72 48.20
C ASP C 172 12.75 -16.37 48.37
N ALA C 173 12.53 -15.46 47.42
CA ALA C 173 13.14 -14.14 47.49
C ALA C 173 12.69 -13.37 48.71
N ILE C 174 11.40 -13.46 49.06
CA ILE C 174 10.88 -12.75 50.22
C ILE C 174 11.51 -13.30 51.50
N THR C 175 11.63 -14.62 51.61
CA THR C 175 12.23 -15.18 52.82
C THR C 175 13.75 -15.01 52.85
N ALA C 176 14.37 -14.63 51.73
CA ALA C 176 15.81 -14.40 51.73
C ALA C 176 16.22 -13.20 52.58
N PHE C 177 15.28 -12.32 52.94
CA PHE C 177 15.59 -11.11 53.72
C PHE C 177 15.81 -11.50 55.18
N HIS C 178 16.90 -12.21 55.43
CA HIS C 178 17.18 -12.76 56.74
C HIS C 178 18.62 -12.47 57.15
N SER C 179 18.82 -12.44 58.46
CA SER C 179 20.12 -12.28 59.09
C SER C 179 20.12 -13.14 60.35
N PRO C 180 21.29 -13.48 60.89
CA PRO C 180 21.33 -14.22 62.16
C PRO C 180 20.75 -13.44 63.34
N SER C 181 20.22 -12.25 63.09
CA SER C 181 19.55 -11.45 64.11
C SER C 181 18.21 -10.92 63.60
N GLY C 182 17.52 -11.69 62.76
CA GLY C 182 16.20 -11.31 62.31
C GLY C 182 16.16 -10.82 60.88
N PHE C 183 15.99 -9.52 60.70
CA PHE C 183 15.91 -8.94 59.36
C PHE C 183 17.32 -8.66 58.83
N GLY C 184 17.47 -8.78 57.52
CA GLY C 184 18.78 -8.66 56.89
C GLY C 184 18.66 -8.22 55.45
N PHE C 185 19.70 -7.55 54.98
CA PHE C 185 19.76 -7.02 53.62
C PHE C 185 21.22 -7.06 53.19
N GLY C 186 21.54 -7.83 52.16
CA GLY C 186 22.94 -8.12 51.90
C GLY C 186 23.45 -8.25 50.48
N LEU C 187 22.79 -7.62 49.52
CA LEU C 187 23.14 -7.66 48.10
C LEU C 187 22.86 -9.01 47.44
N GLY C 188 22.77 -10.06 48.24
CA GLY C 188 22.17 -11.28 47.75
C GLY C 188 20.68 -11.10 47.60
N ASN C 189 20.09 -10.32 48.51
CA ASN C 189 18.71 -9.90 48.35
C ASN C 189 18.53 -9.10 47.08
N VAL C 190 19.47 -8.21 46.77
CA VAL C 190 19.35 -7.40 45.56
C VAL C 190 19.38 -8.28 44.32
N ILE C 191 20.35 -9.20 44.26
CA ILE C 191 20.47 -10.06 43.09
C ILE C 191 19.23 -10.94 42.95
N LEU C 192 18.80 -11.57 44.04
CA LEU C 192 17.64 -12.46 43.99
C LEU C 192 16.37 -11.71 43.61
N THR C 193 16.15 -10.54 44.20
CA THR C 193 14.94 -9.77 43.93
C THR C 193 14.92 -9.27 42.49
N GLY C 194 16.06 -8.81 41.97
CA GLY C 194 16.11 -8.43 40.58
C GLY C 194 15.82 -9.58 39.65
N ASN C 195 16.38 -10.76 39.96
CA ASN C 195 16.13 -11.94 39.14
C ASN C 195 14.65 -12.31 39.17
N VAL C 196 14.02 -12.27 40.34
CA VAL C 196 12.61 -12.60 40.45
C VAL C 196 11.76 -11.62 39.66
N ILE C 197 12.06 -10.33 39.76
CA ILE C 197 11.30 -9.32 39.03
C ILE C 197 11.43 -9.54 37.52
N LEU C 198 12.65 -9.81 37.05
CA LEU C 198 12.85 -9.99 35.62
C LEU C 198 12.19 -11.28 35.14
N LEU C 199 12.19 -12.33 35.97
CA LEU C 199 11.48 -13.54 35.62
C LEU C 199 9.98 -13.30 35.51
N TRP C 200 9.43 -12.49 36.42
CA TRP C 200 8.02 -12.13 36.31
C TRP C 200 7.74 -11.36 35.03
N VAL C 201 8.63 -10.44 34.66
CA VAL C 201 8.44 -9.69 33.42
C VAL C 201 8.44 -10.62 32.22
N TYR C 202 9.39 -11.56 32.18
CA TYR C 202 9.45 -12.51 31.07
C TYR C 202 8.20 -13.40 31.03
N THR C 203 7.74 -13.86 32.19
CA THR C 203 6.56 -14.71 32.22
C THR C 203 5.31 -13.95 31.80
N LEU C 204 5.20 -12.67 32.17
CA LEU C 204 4.02 -11.89 31.82
C LEU C 204 4.08 -11.31 30.42
N SER C 205 5.22 -11.34 29.75
CA SER C 205 5.30 -10.95 28.35
C SER C 205 5.06 -12.11 27.40
N CYS C 206 4.66 -13.26 27.94
CA CYS C 206 4.43 -14.45 27.11
C CYS C 206 3.29 -14.27 26.12
N HIS C 207 3.44 -14.88 24.94
CA HIS C 207 2.42 -14.81 23.90
C HIS C 207 1.14 -15.51 24.31
N SER C 208 1.24 -16.57 25.10
CA SER C 208 0.04 -17.21 25.62
C SER C 208 -0.65 -16.36 26.67
N CYS C 209 0.12 -15.61 27.47
CA CYS C 209 -0.48 -14.67 28.41
C CYS C 209 -1.26 -13.60 27.68
N ARG C 210 -0.72 -13.09 26.57
CA ARG C 210 -1.41 -12.09 25.77
C ARG C 210 -2.73 -12.62 25.26
N HIS C 211 -2.75 -13.87 24.80
CA HIS C 211 -3.98 -14.49 24.31
C HIS C 211 -4.98 -14.70 25.44
N VAL C 212 -4.51 -15.20 26.59
CA VAL C 212 -5.42 -15.57 27.67
C VAL C 212 -6.03 -14.33 28.31
N THR C 213 -5.25 -13.26 28.47
CA THR C 213 -5.75 -12.08 29.16
C THR C 213 -6.85 -11.39 28.36
N GLY C 214 -6.53 -10.90 27.17
CA GLY C 214 -7.56 -10.33 26.33
C GLY C 214 -7.38 -10.56 24.84
N GLY C 215 -6.38 -11.34 24.46
CA GLY C 215 -6.09 -11.52 23.04
C GLY C 215 -7.18 -12.27 22.30
N ARG C 216 -7.85 -13.20 22.96
CA ARG C 216 -8.89 -14.01 22.35
C ARG C 216 -10.25 -13.33 22.31
N LEU C 217 -10.37 -12.12 22.85
CA LEU C 217 -11.65 -11.42 22.85
C LEU C 217 -11.90 -10.78 21.47
N LYS C 218 -13.17 -10.50 21.20
CA LYS C 218 -13.56 -9.82 19.97
C LYS C 218 -13.87 -8.35 20.21
N HIS C 219 -14.73 -8.04 21.18
CA HIS C 219 -15.14 -6.68 21.48
C HIS C 219 -14.38 -6.20 22.72
N PHE C 220 -13.32 -5.42 22.50
CA PHE C 220 -12.61 -4.80 23.61
C PHE C 220 -13.45 -3.74 24.31
N SER C 221 -14.52 -3.26 23.65
CA SER C 221 -15.30 -2.16 24.20
C SER C 221 -16.16 -2.61 25.38
N LYS C 222 -16.56 -3.88 25.41
CA LYS C 222 -17.38 -4.39 26.51
C LYS C 222 -16.56 -5.08 27.59
N HIS C 223 -15.24 -5.06 27.48
CA HIS C 223 -14.35 -5.66 28.48
C HIS C 223 -13.27 -4.65 28.81
N PRO C 224 -13.58 -3.66 29.64
CA PRO C 224 -12.61 -2.58 29.89
C PRO C 224 -11.38 -3.02 30.68
N VAL C 225 -11.54 -3.91 31.66
CA VAL C 225 -10.40 -4.35 32.46
C VAL C 225 -9.45 -5.18 31.63
N ARG C 226 -9.99 -6.14 30.88
CA ARG C 226 -9.14 -7.02 30.10
C ARG C 226 -8.51 -6.29 28.92
N TYR C 227 -9.15 -5.24 28.43
CA TYR C 227 -8.52 -4.40 27.41
C TYR C 227 -7.27 -3.70 27.95
N TRP C 228 -7.36 -3.15 29.15
CA TRP C 228 -6.19 -2.51 29.77
C TRP C 228 -5.09 -3.53 30.02
N ILE C 229 -5.45 -4.70 30.53
CA ILE C 229 -4.46 -5.74 30.77
C ILE C 229 -3.79 -6.15 29.46
N TRP C 230 -4.59 -6.32 28.40
CA TRP C 230 -4.05 -6.71 27.11
C TRP C 230 -3.12 -5.65 26.55
N THR C 231 -3.46 -4.37 26.73
CA THR C 231 -2.60 -3.30 26.24
C THR C 231 -1.23 -3.32 26.92
N GLN C 232 -1.23 -3.42 28.26
CA GLN C 232 0.05 -3.50 28.96
C GLN C 232 0.82 -4.77 28.62
N VAL C 233 0.14 -5.90 28.51
CA VAL C 233 0.82 -7.14 28.17
C VAL C 233 1.40 -7.08 26.76
N SER C 234 0.72 -6.41 25.83
CA SER C 234 1.25 -6.26 24.48
C SER C 234 2.48 -5.35 24.48
N LYS C 235 2.45 -4.27 25.27
CA LYS C 235 3.64 -3.44 25.40
C LYS C 235 4.82 -4.24 25.93
N LEU C 236 4.58 -5.11 26.90
CA LEU C 236 5.65 -5.99 27.39
C LEU C 236 6.08 -6.98 26.33
N ASN C 237 5.13 -7.53 25.58
CA ASN C 237 5.38 -8.59 24.61
C ASN C 237 6.19 -8.10 23.42
N THR C 238 6.14 -6.79 23.12
CA THR C 238 6.98 -6.27 22.05
C THR C 238 8.47 -6.47 22.33
N ARG C 239 8.86 -6.64 23.59
CA ARG C 239 10.25 -6.84 23.98
C ARG C 239 10.51 -8.25 24.50
N HIS C 240 9.75 -9.24 24.01
CA HIS C 240 9.84 -10.59 24.56
C HIS C 240 11.16 -11.26 24.21
N MET C 241 11.71 -10.99 23.01
CA MET C 241 13.03 -11.50 22.66
C MET C 241 14.08 -11.10 23.69
N LEU C 242 14.06 -9.86 24.13
CA LEU C 242 15.09 -9.34 25.01
C LEU C 242 15.00 -9.96 26.40
N PHE C 243 13.77 -10.11 26.91
CA PHE C 243 13.61 -10.58 28.29
C PHE C 243 14.03 -12.02 28.44
N ALA C 244 13.90 -12.85 27.40
CA ALA C 244 14.35 -14.24 27.48
C ALA C 244 15.86 -14.31 27.74
N TRP C 245 16.64 -13.59 26.91
CA TRP C 245 18.08 -13.58 27.08
C TRP C 245 18.49 -12.94 28.39
N ILE C 246 17.80 -11.86 28.78
CA ILE C 246 18.12 -11.18 30.03
C ILE C 246 17.89 -12.09 31.22
N THR C 247 16.78 -12.84 31.21
CA THR C 247 16.50 -13.73 32.33
C THR C 247 17.46 -14.92 32.36
N LEU C 248 17.88 -15.40 31.18
CA LEU C 248 18.92 -16.42 31.18
C LEU C 248 20.19 -15.91 31.85
N GLY C 249 20.61 -14.70 31.47
CA GLY C 249 21.80 -14.13 32.09
C GLY C 249 21.66 -13.94 33.58
N THR C 250 20.52 -13.39 34.01
CA THR C 250 20.34 -13.12 35.44
C THR C 250 20.23 -14.39 36.25
N LEU C 251 19.64 -15.45 35.68
CA LEU C 251 19.66 -16.75 36.35
C LEU C 251 21.09 -17.24 36.54
N VAL C 252 21.91 -17.12 35.49
CA VAL C 252 23.28 -17.60 35.60
C VAL C 252 24.05 -16.81 36.66
N LEU C 253 23.90 -15.49 36.67
CA LEU C 253 24.62 -14.70 37.67
C LEU C 253 24.09 -14.94 39.09
N THR C 254 22.78 -15.12 39.25
CA THR C 254 22.25 -15.41 40.57
C THR C 254 22.82 -16.73 41.11
N ASP C 255 22.81 -17.78 40.28
CA ASP C 255 23.46 -19.02 40.66
C ASP C 255 24.92 -18.82 41.01
N PHE C 256 25.65 -18.10 40.16
CA PHE C 256 27.09 -17.96 40.36
C PHE C 256 27.39 -17.24 41.67
N TYR C 257 26.68 -16.16 41.96
CA TYR C 257 26.90 -15.42 43.19
C TYR C 257 26.55 -16.27 44.41
N ILE C 258 25.41 -16.95 44.37
CA ILE C 258 25.01 -17.75 45.53
C ILE C 258 26.01 -18.87 45.76
N MET C 259 26.48 -19.50 44.69
CA MET C 259 27.51 -20.54 44.81
C MET C 259 28.78 -19.99 45.43
N LEU C 260 29.20 -18.80 45.00
CA LEU C 260 30.41 -18.21 45.56
C LEU C 260 30.26 -17.96 47.05
N VAL C 261 29.09 -17.47 47.47
CA VAL C 261 28.89 -17.19 48.89
C VAL C 261 28.80 -18.48 49.70
N ALA C 262 28.14 -19.52 49.16
CA ALA C 262 28.03 -20.76 49.90
C ALA C 262 29.40 -21.43 50.05
N SER C 263 30.17 -21.49 48.96
CA SER C 263 31.49 -22.08 49.03
C SER C 263 32.37 -21.28 49.99
N GLY C 264 32.67 -20.04 49.62
CA GLY C 264 33.20 -19.08 50.57
C GLY C 264 33.55 -17.78 49.89
N THR C 265 32.99 -16.69 50.41
CA THR C 265 33.18 -15.30 50.01
C THR C 265 32.28 -14.49 50.93
N ILE C 266 32.59 -13.21 51.08
CA ILE C 266 31.76 -12.33 51.90
C ILE C 266 30.52 -11.94 51.11
N SER C 267 29.42 -11.74 51.83
CA SER C 267 28.15 -11.42 51.19
C SER C 267 27.98 -9.93 50.91
N ASP C 268 28.78 -9.07 51.53
CA ASP C 268 28.59 -7.62 51.49
C ASP C 268 27.22 -7.25 52.08
N LEU C 269 27.07 -7.54 53.36
CA LEU C 269 25.82 -7.29 54.07
C LEU C 269 25.62 -5.80 54.32
N ARG C 270 24.36 -5.40 54.43
CA ARG C 270 23.98 -4.06 54.83
C ARG C 270 23.41 -4.00 56.23
N PHE C 271 22.84 -5.10 56.71
CA PHE C 271 22.39 -5.28 58.09
C PHE C 271 23.14 -6.49 58.64
N ILE C 272 24.30 -6.22 59.24
CA ILE C 272 25.29 -7.26 59.52
C ILE C 272 24.73 -8.29 60.49
N GLY C 273 25.05 -9.56 60.24
CA GLY C 273 24.69 -10.64 61.13
C GLY C 273 25.79 -11.67 61.25
#